data_7A55
#
_entry.id   7A55
#
_cell.length_a   65.383
_cell.length_b   84.701
_cell.length_c   76.249
_cell.angle_alpha   90.000
_cell.angle_beta   108.260
_cell.angle_gamma   90.000
#
_symmetry.space_group_name_H-M   'P 1 21 1'
#
loop_
_entity.id
_entity.type
_entity.pdbx_description
1 polymer 'Dual specificity tyrosine-phosphorylation-regulated kinase 1A'
2 non-polymer '3-(1-methylpyrazol-4-yl)-1~{H}-pyrazole-5-carboxylic acid'
3 water water
#
_entity_poly.entity_id   1
_entity_poly.type   'polypeptide(L)'
_entity_poly.pdbx_seq_one_letter_code
;MHHHHHHSSGVDLGTENLYFQSMSSHKKERKVYNDGYDDDNYDYIVKNGEKWMDRYEIDSLIGKGSFGQVVKAYDRVEQE
WVAIKIIKNKKAFLNQAQIEVRLLELMNKHDTEMKYYIVHLKRHFMFRNHLCLVFEMLSYNLYDLLRNTNFRGVSLNLTR
KFAQQMCTALLFLATPELSIIHCDLKPENILLCNPKRSAIKIVDFGSSCQLGQRIYQ(PTR)IQSRFYRSPEVLLGMPYD
LAIDMWSLGCILVEMHTGEPLFSGANEVDQMNKIVEVLGIPPAHILDQAPKARKFFEKLPDGTWNLKKTKDGKREYKPPG
TRKLHNILGVETGGPGGRRAGESGHTVADYLKFKDLILRMLDYDPKTRIQPYYALQHSFFKKTADE
;
_entity_poly.pdbx_strand_id   A,B
#
loop_
_chem_comp.id
_chem_comp.type
_chem_comp.name
_chem_comp.formula
QZ2 non-polymer '3-(1-methylpyrazol-4-yl)-1~{H}-pyrazole-5-carboxylic acid' 'C8 H8 N4 O2'
#
# COMPACT_ATOMS: atom_id res chain seq x y z
N TYR A 33 17.65 -8.81 11.62
CA TYR A 33 16.61 -7.90 11.05
C TYR A 33 16.90 -6.45 11.48
N ASN A 34 17.36 -5.63 10.51
CA ASN A 34 17.46 -4.14 10.60
C ASN A 34 18.38 -3.78 11.78
N ASP A 35 19.59 -4.34 11.77
CA ASP A 35 20.63 -4.14 12.83
C ASP A 35 20.01 -4.52 14.18
N GLY A 36 19.08 -5.47 14.19
CA GLY A 36 18.45 -6.04 15.39
C GLY A 36 17.25 -5.25 15.91
N TYR A 37 16.80 -4.22 15.19
CA TYR A 37 15.68 -3.34 15.61
C TYR A 37 14.30 -3.89 15.20
N ASP A 38 14.28 -4.85 14.27
CA ASP A 38 13.02 -5.36 13.67
C ASP A 38 12.85 -6.84 14.01
N ASP A 39 11.59 -7.26 14.21
CA ASP A 39 11.17 -8.67 14.31
C ASP A 39 10.91 -9.19 12.89
N ASP A 40 10.42 -10.43 12.77
CA ASP A 40 10.22 -11.12 11.47
C ASP A 40 8.87 -10.68 10.85
N ASN A 41 8.21 -9.69 11.43
CA ASN A 41 6.99 -9.03 10.87
C ASN A 41 7.35 -7.64 10.32
N TYR A 42 8.64 -7.28 10.31
CA TYR A 42 9.17 -5.94 9.93
C TYR A 42 8.64 -4.84 10.85
N ASP A 43 7.99 -5.19 11.95
CA ASP A 43 7.63 -4.24 13.03
C ASP A 43 8.90 -3.86 13.78
N TYR A 44 8.96 -2.64 14.30
CA TYR A 44 10.04 -2.18 15.20
C TYR A 44 9.85 -2.86 16.56
N ILE A 45 10.92 -3.32 17.19
CA ILE A 45 10.82 -4.00 18.50
C ILE A 45 10.81 -2.89 19.57
N VAL A 46 9.63 -2.58 20.11
CA VAL A 46 9.40 -1.46 21.07
C VAL A 46 9.97 -1.87 22.42
N LYS A 47 10.79 -1.01 23.00
CA LYS A 47 11.37 -1.16 24.36
C LYS A 47 10.87 0.02 25.19
N ASN A 48 10.04 -0.23 26.20
CA ASN A 48 9.51 0.83 27.09
C ASN A 48 10.73 1.54 27.72
N GLY A 49 10.75 2.88 27.71
CA GLY A 49 11.81 3.68 28.32
C GLY A 49 12.78 4.25 27.29
N GLU A 50 12.81 3.67 26.09
CA GLU A 50 13.78 4.05 25.02
C GLU A 50 13.59 5.53 24.66
N LYS A 51 14.70 6.21 24.36
CA LYS A 51 14.72 7.65 24.03
C LYS A 51 15.21 7.80 22.58
N TRP A 52 14.53 8.61 21.79
CA TRP A 52 14.76 8.79 20.33
C TRP A 52 15.21 10.23 20.04
N MET A 53 16.32 10.40 19.32
CA MET A 53 16.82 11.71 18.84
C MET A 53 16.87 12.69 20.01
N ASP A 54 17.20 12.20 21.21
CA ASP A 54 17.32 13.03 22.44
C ASP A 54 16.04 13.84 22.67
N ARG A 55 14.87 13.35 22.21
CA ARG A 55 13.61 14.12 22.18
C ARG A 55 12.42 13.31 22.71
N TYR A 56 12.19 12.12 22.16
CA TYR A 56 10.98 11.32 22.48
C TYR A 56 11.33 10.21 23.47
N GLU A 57 10.57 10.08 24.56
CA GLU A 57 10.67 8.92 25.46
C GLU A 57 9.49 8.03 25.14
N ILE A 58 9.74 6.86 24.58
CA ILE A 58 8.71 5.81 24.36
C ILE A 58 8.21 5.37 25.73
N ASP A 59 6.91 5.55 26.00
CA ASP A 59 6.27 5.03 27.23
C ASP A 59 5.83 3.57 27.03
N SER A 60 4.99 3.30 26.04
CA SER A 60 4.35 1.97 25.84
C SER A 60 3.70 1.83 24.46
N LEU A 61 3.35 0.60 24.12
CA LEU A 61 2.57 0.20 22.92
C LEU A 61 1.10 0.39 23.23
N ILE A 62 0.39 1.26 22.50
CA ILE A 62 -1.07 1.51 22.71
C ILE A 62 -1.88 0.91 21.56
N GLY A 63 -1.24 0.43 20.49
CA GLY A 63 -1.97 0.08 19.27
C GLY A 63 -1.17 -0.79 18.35
N LYS A 64 -1.83 -1.72 17.66
CA LYS A 64 -1.23 -2.57 16.62
C LYS A 64 -2.20 -2.63 15.44
N GLY A 65 -1.67 -2.77 14.22
CA GLY A 65 -2.45 -2.82 12.97
C GLY A 65 -1.64 -3.50 11.89
N SER A 66 -2.13 -3.50 10.65
CA SER A 66 -1.43 -4.11 9.50
C SER A 66 -0.28 -3.18 9.09
N PHE A 67 -0.49 -1.86 9.26
CA PHE A 67 0.50 -0.79 8.99
C PHE A 67 1.76 -0.92 9.86
N GLY A 68 1.63 -1.47 11.08
CA GLY A 68 2.69 -1.46 12.11
C GLY A 68 2.11 -1.19 13.50
N GLN A 69 2.72 -0.31 14.27
CA GLN A 69 2.36 -0.17 15.70
C GLN A 69 2.14 1.30 16.04
N VAL A 70 1.42 1.54 17.13
CA VAL A 70 1.22 2.89 17.71
C VAL A 70 1.76 2.90 19.15
N VAL A 71 2.59 3.88 19.47
CA VAL A 71 3.16 3.97 20.84
C VAL A 71 2.83 5.34 21.46
N LYS A 72 2.65 5.33 22.78
CA LYS A 72 2.60 6.55 23.62
C LYS A 72 4.03 7.01 23.89
N ALA A 73 4.31 8.30 23.72
CA ALA A 73 5.67 8.85 23.87
C ALA A 73 5.57 10.27 24.43
N TYR A 74 6.52 10.67 25.29
CA TYR A 74 6.62 12.06 25.80
C TYR A 74 7.65 12.81 24.96
N ASP A 75 7.19 13.87 24.33
CA ASP A 75 8.01 14.80 23.52
C ASP A 75 8.60 15.84 24.47
N ARG A 76 9.88 15.64 24.81
CA ARG A 76 10.63 16.47 25.79
C ARG A 76 10.65 17.91 25.31
N VAL A 77 10.77 18.11 24.00
CA VAL A 77 10.94 19.46 23.37
C VAL A 77 9.64 20.27 23.50
N GLU A 78 8.46 19.69 23.23
CA GLU A 78 7.17 20.43 23.28
C GLU A 78 6.46 20.18 24.61
N GLN A 79 7.01 19.33 25.48
CA GLN A 79 6.50 19.06 26.86
C GLN A 79 5.07 18.52 26.77
N GLU A 80 4.83 17.55 25.90
CA GLU A 80 3.48 16.97 25.71
C GLU A 80 3.59 15.50 25.29
N TRP A 81 2.52 14.79 25.58
CA TRP A 81 2.31 13.38 25.18
C TRP A 81 1.89 13.32 23.70
N VAL A 82 2.36 12.30 22.97
CA VAL A 82 2.07 12.12 21.53
C VAL A 82 1.83 10.64 21.26
N ALA A 83 1.09 10.34 20.20
CA ALA A 83 0.90 8.98 19.66
C ALA A 83 1.78 8.84 18.42
N ILE A 84 2.75 7.94 18.42
CA ILE A 84 3.67 7.77 17.27
C ILE A 84 3.30 6.48 16.58
N LYS A 85 2.85 6.59 15.34
CA LYS A 85 2.53 5.44 14.48
C LYS A 85 3.83 5.06 13.77
N ILE A 86 4.39 3.91 14.14
CA ILE A 86 5.64 3.33 13.57
C ILE A 86 5.24 2.36 12.46
N ILE A 87 5.43 2.80 11.22
CA ILE A 87 5.10 2.02 10.01
C ILE A 87 6.11 0.87 9.88
N LYS A 88 5.66 -0.31 9.48
CA LYS A 88 6.58 -1.45 9.18
C LYS A 88 7.66 -1.03 8.19
N ASN A 89 8.85 -1.58 8.36
CA ASN A 89 10.04 -1.38 7.47
C ASN A 89 9.88 -2.31 6.27
N LYS A 90 8.97 -1.94 5.36
CA LYS A 90 8.57 -2.69 4.15
C LYS A 90 7.97 -1.68 3.16
N LYS A 91 8.37 -1.70 1.88
CA LYS A 91 8.16 -0.51 1.00
C LYS A 91 6.67 -0.32 0.71
N ALA A 92 5.88 -1.39 0.60
CA ALA A 92 4.43 -1.32 0.39
C ALA A 92 3.74 -0.46 1.47
N PHE A 93 4.05 -0.70 2.75
CA PHE A 93 3.44 0.02 3.90
C PHE A 93 4.04 1.44 3.95
N LEU A 94 5.34 1.56 3.69
CA LEU A 94 5.98 2.89 3.64
C LEU A 94 5.31 3.74 2.53
N ASN A 95 5.06 3.17 1.36
CA ASN A 95 4.43 3.91 0.22
C ASN A 95 3.01 4.29 0.61
N GLN A 96 2.27 3.38 1.25
CA GLN A 96 0.87 3.65 1.64
C GLN A 96 0.86 4.78 2.68
N ALA A 97 1.79 4.74 3.64
CA ALA A 97 1.86 5.73 4.73
C ALA A 97 2.24 7.09 4.15
N GLN A 98 2.95 7.12 3.01
CA GLN A 98 3.31 8.37 2.30
C GLN A 98 2.01 8.96 1.72
N ILE A 99 1.09 8.14 1.23
CA ILE A 99 -0.25 8.65 0.82
C ILE A 99 -0.99 9.14 2.06
N GLU A 100 -0.95 8.37 3.15
CA GLU A 100 -1.61 8.75 4.42
C GLU A 100 -1.12 10.14 4.85
N VAL A 101 0.21 10.35 4.87
CA VAL A 101 0.83 11.66 5.25
C VAL A 101 0.29 12.74 4.32
N ARG A 102 0.25 12.46 3.02
CA ARG A 102 -0.17 13.47 2.02
C ARG A 102 -1.61 13.91 2.33
N LEU A 103 -2.50 12.97 2.64
CA LEU A 103 -3.94 13.24 2.90
C LEU A 103 -4.08 14.01 4.19
N LEU A 104 -3.34 13.61 5.22
CA LEU A 104 -3.43 14.28 6.55
C LEU A 104 -2.94 15.72 6.40
N GLU A 105 -1.88 15.94 5.62
CA GLU A 105 -1.33 17.30 5.42
C GLU A 105 -2.33 18.10 4.56
N LEU A 106 -2.91 17.48 3.53
CA LEU A 106 -3.97 18.13 2.72
C LEU A 106 -5.05 18.65 3.66
N MET A 107 -5.57 17.81 4.56
CA MET A 107 -6.66 18.21 5.50
C MET A 107 -6.16 19.33 6.43
N ASN A 108 -4.88 19.30 6.80
CA ASN A 108 -4.32 20.26 7.79
C ASN A 108 -4.29 21.65 7.19
N LYS A 109 -4.04 21.75 5.89
CA LYS A 109 -4.02 23.04 5.15
C LYS A 109 -5.28 23.85 5.44
N HIS A 110 -6.45 23.19 5.41
CA HIS A 110 -7.79 23.84 5.43
C HIS A 110 -7.99 24.75 6.64
N ASP A 111 -8.51 25.96 6.37
CA ASP A 111 -8.76 27.05 7.34
C ASP A 111 -10.21 26.96 7.84
N THR A 112 -10.59 25.81 8.40
CA THR A 112 -11.97 25.52 8.93
C THR A 112 -11.84 24.83 10.29
N GLU A 113 -12.85 24.99 11.15
CA GLU A 113 -12.89 24.36 12.51
C GLU A 113 -13.41 22.92 12.39
N MET A 114 -13.90 22.53 11.21
CA MET A 114 -14.43 21.16 10.94
C MET A 114 -13.28 20.13 10.93
N LYS A 115 -12.05 20.58 10.68
CA LYS A 115 -10.85 19.71 10.63
C LYS A 115 -10.46 19.25 12.04
N TYR A 116 -11.08 19.79 13.09
CA TYR A 116 -10.81 19.40 14.50
C TYR A 116 -11.60 18.13 14.87
N TYR A 117 -12.35 17.52 13.93
CA TYR A 117 -12.96 16.17 14.12
C TYR A 117 -12.07 15.09 13.51
N ILE A 118 -10.93 15.49 12.94
CA ILE A 118 -9.91 14.57 12.35
C ILE A 118 -8.64 14.69 13.20
N VAL A 119 -8.00 13.57 13.46
CA VAL A 119 -6.74 13.49 14.24
C VAL A 119 -5.70 14.38 13.55
N HIS A 120 -5.01 15.20 14.33
CA HIS A 120 -3.95 16.13 13.88
C HIS A 120 -2.60 15.38 13.81
N LEU A 121 -2.04 15.27 12.62
CA LEU A 121 -0.63 14.87 12.35
C LEU A 121 0.27 16.08 12.59
N LYS A 122 1.13 16.04 13.60
CA LYS A 122 2.03 17.16 14.00
C LYS A 122 3.22 17.21 13.03
N ARG A 123 3.82 16.06 12.75
CA ARG A 123 4.92 15.89 11.77
C ARG A 123 5.18 14.41 11.53
N HIS A 124 6.15 14.12 10.67
CA HIS A 124 6.65 12.75 10.44
C HIS A 124 8.17 12.78 10.28
N PHE A 125 8.79 11.61 10.39
CA PHE A 125 10.24 11.43 10.21
C PHE A 125 10.53 9.96 9.97
N MET A 126 11.68 9.72 9.34
CA MET A 126 12.29 8.39 9.16
C MET A 126 13.24 8.17 10.34
N PHE A 127 13.11 7.04 11.02
CA PHE A 127 13.88 6.67 12.24
C PHE A 127 14.16 5.17 12.20
N ARG A 128 15.44 4.78 12.15
CA ARG A 128 15.86 3.34 12.15
C ARG A 128 15.10 2.56 11.07
N ASN A 129 14.97 3.18 9.89
CA ASN A 129 14.38 2.61 8.64
C ASN A 129 12.86 2.41 8.80
N HIS A 130 12.23 3.10 9.75
CA HIS A 130 10.75 3.12 9.93
C HIS A 130 10.23 4.54 9.69
N LEU A 131 9.20 4.69 8.87
CA LEU A 131 8.47 5.99 8.81
C LEU A 131 7.59 6.09 10.05
N CYS A 132 7.70 7.21 10.75
CA CYS A 132 6.99 7.51 12.02
C CYS A 132 6.10 8.73 11.81
N LEU A 133 4.79 8.57 12.06
CA LEU A 133 3.82 9.68 12.05
C LEU A 133 3.52 10.05 13.50
N VAL A 134 3.77 11.31 13.83
CA VAL A 134 3.58 11.83 15.22
C VAL A 134 2.23 12.49 15.24
N PHE A 135 1.32 11.95 16.04
CA PHE A 135 -0.07 12.44 16.23
C PHE A 135 -0.23 13.05 17.61
N GLU A 136 -1.21 13.94 17.76
CA GLU A 136 -1.75 14.32 19.09
C GLU A 136 -2.18 13.05 19.84
N MET A 137 -1.98 13.04 21.16
CA MET A 137 -2.48 11.97 22.05
C MET A 137 -3.98 12.19 22.18
N LEU A 138 -4.80 11.19 21.83
CA LEU A 138 -6.26 11.17 22.13
C LEU A 138 -6.48 10.21 23.29
N SER A 139 -7.73 9.76 23.53
CA SER A 139 -8.10 8.86 24.64
C SER A 139 -8.62 7.51 24.10
N TYR A 140 -9.58 6.88 24.79
CA TYR A 140 -10.22 5.59 24.45
C TYR A 140 -11.00 5.67 23.13
N ASN A 141 -11.15 4.53 22.45
CA ASN A 141 -11.98 4.46 21.23
C ASN A 141 -13.43 4.14 21.65
N LEU A 142 -14.37 4.29 20.74
CA LEU A 142 -15.82 4.10 21.03
C LEU A 142 -16.09 2.64 21.34
N TYR A 143 -15.23 1.73 20.89
CA TYR A 143 -15.37 0.29 21.23
C TYR A 143 -15.06 0.10 22.73
N ASP A 144 -14.00 0.74 23.24
CA ASP A 144 -13.71 0.75 24.70
C ASP A 144 -14.93 1.30 25.43
N LEU A 145 -15.49 2.40 24.94
CA LEU A 145 -16.70 3.01 25.56
C LEU A 145 -17.86 2.00 25.59
N LEU A 146 -18.07 1.20 24.55
CA LEU A 146 -19.16 0.19 24.53
C LEU A 146 -18.86 -0.92 25.56
N ARG A 147 -17.60 -1.39 25.65
CA ARG A 147 -17.14 -2.39 26.66
C ARG A 147 -17.41 -1.85 28.08
N ASN A 148 -17.23 -0.55 28.29
CA ASN A 148 -17.49 0.12 29.60
C ASN A 148 -18.99 0.15 29.95
N THR A 149 -19.88 0.18 28.95
CA THR A 149 -21.36 0.06 29.13
C THR A 149 -21.75 -1.41 29.32
N ASN A 150 -20.81 -2.35 29.26
CA ASN A 150 -21.08 -3.83 29.25
C ASN A 150 -21.99 -4.15 28.05
N PHE A 151 -21.75 -3.48 26.92
CA PHE A 151 -22.40 -3.71 25.61
C PHE A 151 -23.92 -3.54 25.74
N ARG A 152 -24.35 -2.52 26.48
CA ARG A 152 -25.78 -2.10 26.62
C ARG A 152 -25.99 -0.69 26.04
N GLY A 153 -24.93 0.03 25.68
CA GLY A 153 -25.03 1.26 24.89
C GLY A 153 -25.08 2.53 25.73
N VAL A 154 -24.92 3.66 25.06
CA VAL A 154 -24.92 5.01 25.69
C VAL A 154 -26.27 5.62 25.37
N SER A 155 -26.63 6.70 26.06
CA SER A 155 -27.94 7.37 25.92
C SER A 155 -28.10 7.82 24.48
N LEU A 156 -29.34 8.10 24.09
CA LEU A 156 -29.68 8.75 22.81
C LEU A 156 -29.03 10.14 22.74
N ASN A 157 -28.91 10.84 23.86
CA ASN A 157 -28.35 12.22 23.91
C ASN A 157 -26.87 12.15 23.61
N LEU A 158 -26.18 11.14 24.10
CA LEU A 158 -24.75 10.98 23.79
C LEU A 158 -24.59 10.48 22.33
N THR A 159 -25.44 9.56 21.89
CA THR A 159 -25.44 9.07 20.49
C THR A 159 -25.58 10.28 19.56
N ARG A 160 -26.50 11.21 19.89
CA ARG A 160 -26.76 12.45 19.13
C ARG A 160 -25.50 13.31 19.05
N LYS A 161 -24.80 13.48 20.17
CA LYS A 161 -23.54 14.28 20.19
C LYS A 161 -22.54 13.63 19.24
N PHE A 162 -22.37 12.31 19.28
CA PHE A 162 -21.38 11.58 18.45
C PHE A 162 -21.78 11.68 16.98
N ALA A 163 -23.08 11.53 16.69
CA ALA A 163 -23.63 11.60 15.31
C ALA A 163 -23.35 12.99 14.71
N GLN A 164 -23.57 14.06 15.47
CA GLN A 164 -23.40 15.43 14.94
C GLN A 164 -21.94 15.63 14.54
N GLN A 165 -21.01 15.17 15.37
CA GLN A 165 -19.55 15.32 15.17
C GLN A 165 -19.13 14.51 13.94
N MET A 166 -19.61 13.29 13.81
CA MET A 166 -19.21 12.37 12.71
C MET A 166 -19.78 12.90 11.39
N CYS A 167 -20.99 13.43 11.39
CA CYS A 167 -21.57 14.03 10.15
C CYS A 167 -20.77 15.26 9.75
N THR A 168 -20.29 16.04 10.71
CA THR A 168 -19.44 17.23 10.40
C THR A 168 -18.10 16.75 9.83
N ALA A 169 -17.52 15.69 10.38
CA ALA A 169 -16.25 15.12 9.90
C ALA A 169 -16.45 14.72 8.44
N LEU A 170 -17.57 14.08 8.09
CA LEU A 170 -17.79 13.56 6.72
C LEU A 170 -18.11 14.71 5.77
N LEU A 171 -18.75 15.77 6.28
CA LEU A 171 -18.99 17.02 5.51
C LEU A 171 -17.65 17.64 5.14
N PHE A 172 -16.72 17.61 6.09
CA PHE A 172 -15.33 18.10 5.87
C PHE A 172 -14.64 17.24 4.81
N LEU A 173 -14.70 15.92 4.95
CA LEU A 173 -13.95 15.00 4.06
C LEU A 173 -14.46 15.11 2.64
N ALA A 174 -15.73 15.49 2.44
CA ALA A 174 -16.37 15.53 1.11
C ALA A 174 -16.21 16.94 0.50
N THR A 175 -15.52 17.86 1.17
CA THR A 175 -14.97 19.07 0.51
C THR A 175 -14.31 18.65 -0.79
N PRO A 176 -14.69 19.27 -1.92
CA PRO A 176 -14.23 18.82 -3.25
C PRO A 176 -12.69 18.70 -3.36
N GLU A 177 -11.96 19.68 -2.82
CA GLU A 177 -10.48 19.70 -2.84
C GLU A 177 -9.98 18.40 -2.18
N LEU A 178 -10.70 17.89 -1.18
CA LEU A 178 -10.29 16.68 -0.41
C LEU A 178 -10.87 15.43 -1.05
N SER A 179 -12.21 15.28 -1.04
CA SER A 179 -12.92 14.10 -1.59
C SER A 179 -12.35 12.81 -1.00
N ILE A 180 -12.15 12.77 0.32
CA ILE A 180 -11.48 11.62 0.99
C ILE A 180 -12.52 10.63 1.49
N ILE A 181 -12.42 9.38 1.00
CA ILE A 181 -13.16 8.22 1.53
C ILE A 181 -12.29 7.56 2.60
N HIS A 182 -12.74 7.57 3.87
CA HIS A 182 -11.97 6.97 4.98
C HIS A 182 -11.76 5.47 4.71
N CYS A 183 -12.84 4.77 4.40
CA CYS A 183 -12.89 3.36 3.93
C CYS A 183 -12.83 2.38 5.11
N ASP A 184 -12.72 2.85 6.35
CA ASP A 184 -12.67 1.89 7.48
C ASP A 184 -13.23 2.52 8.75
N LEU A 185 -14.38 3.19 8.64
CA LEU A 185 -15.11 3.72 9.81
C LEU A 185 -15.69 2.54 10.58
N LYS A 186 -15.52 2.62 11.89
CA LYS A 186 -15.89 1.56 12.87
C LYS A 186 -15.53 2.15 14.23
N PRO A 187 -16.12 1.62 15.32
CA PRO A 187 -15.93 2.21 16.65
C PRO A 187 -14.45 2.32 17.04
N GLU A 188 -13.65 1.35 16.62
CA GLU A 188 -12.21 1.27 16.99
C GLU A 188 -11.46 2.45 16.36
N ASN A 189 -11.94 3.04 15.25
CA ASN A 189 -11.24 4.14 14.54
C ASN A 189 -11.86 5.50 14.88
N ILE A 190 -12.70 5.57 15.91
CA ILE A 190 -13.29 6.83 16.44
C ILE A 190 -12.85 6.93 17.90
N LEU A 191 -12.10 7.95 18.26
CA LEU A 191 -11.45 8.04 19.59
C LEU A 191 -12.00 9.29 20.27
N LEU A 192 -12.27 9.19 21.56
CA LEU A 192 -12.53 10.38 22.41
C LEU A 192 -11.25 11.23 22.46
N CYS A 193 -11.39 12.56 22.49
CA CYS A 193 -10.27 13.49 22.78
C CYS A 193 -9.71 13.17 24.16
N ASN A 194 -10.60 12.90 25.11
CA ASN A 194 -10.28 12.73 26.54
C ASN A 194 -11.43 11.98 27.18
N PRO A 195 -11.20 11.33 28.34
CA PRO A 195 -12.17 10.41 28.93
C PRO A 195 -13.34 11.11 29.63
N LYS A 196 -13.35 12.45 29.68
CA LYS A 196 -14.36 13.22 30.46
C LYS A 196 -15.41 13.84 29.52
N ARG A 197 -15.02 14.20 28.29
CA ARG A 197 -15.92 14.92 27.35
C ARG A 197 -16.45 13.97 26.29
N SER A 198 -17.42 14.46 25.52
CA SER A 198 -18.09 13.77 24.39
C SER A 198 -17.39 14.04 23.06
N ALA A 199 -16.40 14.92 23.03
CA ALA A 199 -15.64 15.35 21.83
C ALA A 199 -14.95 14.13 21.21
N ILE A 200 -15.03 13.96 19.89
CA ILE A 200 -14.41 12.78 19.24
C ILE A 200 -13.66 13.19 17.98
N LYS A 201 -12.80 12.28 17.54
CA LYS A 201 -12.03 12.44 16.31
C LYS A 201 -11.95 11.11 15.60
N ILE A 202 -11.88 11.16 14.28
CA ILE A 202 -11.58 10.02 13.38
C ILE A 202 -10.06 9.89 13.26
N VAL A 203 -9.56 8.66 13.44
CA VAL A 203 -8.12 8.32 13.25
C VAL A 203 -8.03 7.27 12.14
N ASP A 204 -6.80 6.97 11.73
CA ASP A 204 -6.43 5.84 10.86
C ASP A 204 -6.95 6.08 9.43
N PHE A 205 -6.29 7.01 8.73
CA PHE A 205 -6.43 7.27 7.28
C PHE A 205 -5.43 6.40 6.51
N GLY A 206 -5.00 5.28 7.09
CA GLY A 206 -4.04 4.35 6.48
C GLY A 206 -4.65 3.60 5.31
N SER A 207 -5.97 3.50 5.24
CA SER A 207 -6.69 2.76 4.17
C SER A 207 -7.43 3.74 3.26
N SER A 208 -7.23 5.04 3.49
CA SER A 208 -8.05 6.11 2.86
C SER A 208 -7.56 6.36 1.45
N CYS A 209 -8.45 6.90 0.62
CA CYS A 209 -8.11 7.35 -0.74
C CYS A 209 -8.96 8.56 -1.13
N GLN A 210 -8.55 9.25 -2.19
CA GLN A 210 -9.37 10.30 -2.83
C GLN A 210 -10.23 9.67 -3.93
N LEU A 211 -11.44 10.18 -4.06
CA LEU A 211 -12.38 9.84 -5.14
C LEU A 211 -11.69 10.06 -6.50
N GLY A 212 -11.81 9.12 -7.42
CA GLY A 212 -11.13 9.20 -8.73
C GLY A 212 -11.21 7.89 -9.46
N GLN A 213 -10.44 6.89 -9.01
CA GLN A 213 -10.47 5.50 -9.53
C GLN A 213 -11.78 4.85 -9.05
N ARG A 214 -12.87 4.97 -9.80
CA ARG A 214 -14.15 4.29 -9.47
C ARG A 214 -13.91 2.81 -9.78
N ILE A 215 -13.33 2.08 -8.82
CA ILE A 215 -13.00 0.64 -8.97
C ILE A 215 -13.59 -0.09 -7.77
N TYR A 216 -13.68 -1.41 -7.85
CA TYR A 216 -14.09 -2.27 -6.72
C TYR A 216 -12.83 -2.75 -6.01
N GLN A 217 -12.81 -2.73 -4.67
CA GLN A 217 -11.82 -3.44 -3.82
C GLN A 217 -12.56 -4.03 -2.62
N PTR A 218 -12.02 -5.10 -2.03
CA PTR A 218 -12.56 -5.68 -0.82
C PTR A 218 -12.10 -4.82 0.35
O PTR A 218 -10.99 -5.01 0.80
CB PTR A 218 -12.04 -7.10 -0.68
CG PTR A 218 -12.40 -7.93 0.53
CD1 PTR A 218 -11.44 -8.20 1.50
CD2 PTR A 218 -13.62 -8.56 0.61
CE1 PTR A 218 -11.71 -9.06 2.54
CE2 PTR A 218 -13.92 -9.42 1.66
CZ PTR A 218 -12.96 -9.68 2.60
OH PTR A 218 -13.24 -10.55 3.66
P PTR A 218 -13.84 -10.13 5.06
O1P PTR A 218 -13.33 -11.19 5.97
O2P PTR A 218 -13.30 -8.74 5.45
O3P PTR A 218 -15.34 -10.10 4.92
N ILE A 219 -12.95 -3.87 0.77
CA ILE A 219 -12.57 -2.82 1.71
C ILE A 219 -13.69 -2.65 2.75
N GLN A 220 -13.44 -1.88 3.81
CA GLN A 220 -14.31 -1.68 5.00
C GLN A 220 -14.27 -2.95 5.87
N SER A 221 -14.34 -2.81 7.18
CA SER A 221 -14.51 -3.98 8.08
C SER A 221 -15.92 -4.50 7.88
N ARG A 222 -16.08 -5.82 7.87
CA ARG A 222 -17.29 -6.52 7.35
C ARG A 222 -18.57 -5.95 7.96
N PHE A 223 -18.62 -5.69 9.25
CA PHE A 223 -19.88 -5.30 9.96
C PHE A 223 -20.36 -3.95 9.41
N TYR A 224 -19.43 -3.15 8.87
CA TYR A 224 -19.63 -1.72 8.52
C TYR A 224 -19.54 -1.55 7.00
N ARG A 225 -19.49 -2.67 6.27
CA ARG A 225 -19.27 -2.72 4.80
C ARG A 225 -20.59 -2.45 4.11
N SER A 226 -20.55 -1.55 3.12
CA SER A 226 -21.71 -1.02 2.38
C SER A 226 -22.20 -2.07 1.40
N PRO A 227 -23.50 -2.09 1.04
CA PRO A 227 -24.00 -3.05 0.07
C PRO A 227 -23.24 -2.94 -1.25
N GLU A 228 -22.95 -1.73 -1.75
CA GLU A 228 -22.24 -1.56 -3.04
C GLU A 228 -20.91 -2.33 -2.99
N VAL A 229 -20.18 -2.27 -1.87
CA VAL A 229 -18.87 -2.99 -1.76
C VAL A 229 -19.14 -4.50 -1.65
N LEU A 230 -20.12 -4.91 -0.85
CA LEU A 230 -20.50 -6.36 -0.77
C LEU A 230 -20.82 -6.89 -2.18
N LEU A 231 -21.44 -6.05 -3.02
CA LEU A 231 -22.00 -6.39 -4.34
C LEU A 231 -20.96 -6.19 -5.45
N GLY A 232 -19.72 -5.85 -5.09
CA GLY A 232 -18.60 -5.75 -6.04
C GLY A 232 -18.72 -4.56 -6.96
N MET A 233 -19.48 -3.53 -6.57
CA MET A 233 -19.67 -2.30 -7.37
C MET A 233 -18.59 -1.30 -6.99
N PRO A 234 -18.40 -0.24 -7.80
CA PRO A 234 -17.44 0.81 -7.47
C PRO A 234 -18.01 1.62 -6.31
N TYR A 235 -17.14 2.20 -5.46
CA TYR A 235 -17.54 2.98 -4.29
C TYR A 235 -17.20 4.47 -4.46
N ASP A 236 -17.88 5.27 -3.65
CA ASP A 236 -17.65 6.74 -3.51
C ASP A 236 -17.78 7.09 -2.01
N LEU A 237 -17.99 8.35 -1.66
CA LEU A 237 -17.90 8.79 -0.24
C LEU A 237 -19.08 8.25 0.57
N ALA A 238 -20.13 7.80 -0.09
CA ALA A 238 -21.35 7.33 0.58
C ALA A 238 -21.07 6.08 1.41
N ILE A 239 -20.00 5.34 1.14
CA ILE A 239 -19.69 4.10 1.93
C ILE A 239 -19.42 4.49 3.38
N ASP A 240 -18.88 5.68 3.63
CA ASP A 240 -18.58 6.15 5.01
C ASP A 240 -19.89 6.46 5.74
N MET A 241 -20.91 6.93 5.02
CA MET A 241 -22.23 7.22 5.65
C MET A 241 -22.95 5.92 6.00
N TRP A 242 -22.88 4.89 5.15
CA TRP A 242 -23.35 3.51 5.48
C TRP A 242 -22.75 3.09 6.82
N SER A 243 -21.41 3.08 6.92
CA SER A 243 -20.66 2.68 8.14
C SER A 243 -21.17 3.49 9.33
N LEU A 244 -21.33 4.81 9.16
CA LEU A 244 -21.75 5.70 10.28
C LEU A 244 -23.13 5.25 10.77
N GLY A 245 -24.08 4.95 9.90
CA GLY A 245 -25.42 4.51 10.31
C GLY A 245 -25.34 3.27 11.18
N CYS A 246 -24.51 2.30 10.80
CA CYS A 246 -24.30 1.05 11.54
C CYS A 246 -23.71 1.36 12.91
N ILE A 247 -22.74 2.28 12.92
CA ILE A 247 -22.00 2.67 14.16
C ILE A 247 -22.99 3.28 15.13
N LEU A 248 -23.81 4.22 14.69
CA LEU A 248 -24.70 4.98 15.60
C LEU A 248 -25.75 4.03 16.20
N VAL A 249 -26.29 3.06 15.46
CA VAL A 249 -27.26 2.09 16.05
C VAL A 249 -26.53 1.29 17.13
N GLU A 250 -25.32 0.82 16.86
CA GLU A 250 -24.51 0.01 17.80
C GLU A 250 -24.17 0.82 19.06
N MET A 251 -23.86 2.10 18.93
CA MET A 251 -23.53 2.98 20.10
C MET A 251 -24.70 3.01 21.08
N HIS A 252 -25.93 3.06 20.59
CA HIS A 252 -27.15 3.13 21.43
C HIS A 252 -27.57 1.74 21.93
N THR A 253 -27.51 0.69 21.10
CA THR A 253 -28.01 -0.66 21.49
C THR A 253 -26.94 -1.42 22.26
N GLY A 254 -25.66 -1.11 22.03
CA GLY A 254 -24.52 -1.85 22.62
C GLY A 254 -23.95 -2.91 21.70
N GLU A 255 -24.61 -3.24 20.60
CA GLU A 255 -24.19 -4.36 19.73
C GLU A 255 -24.16 -3.96 18.26
N PRO A 256 -23.26 -4.57 17.46
CA PRO A 256 -23.27 -4.37 16.02
C PRO A 256 -24.67 -4.66 15.48
N LEU A 257 -25.16 -3.82 14.57
CA LEU A 257 -26.44 -3.95 13.86
C LEU A 257 -26.41 -5.19 12.96
N PHE A 258 -25.31 -5.37 12.23
CA PHE A 258 -25.15 -6.40 11.15
C PHE A 258 -23.83 -7.14 11.37
N SER A 259 -23.86 -8.20 12.15
CA SER A 259 -22.65 -8.94 12.60
C SER A 259 -22.49 -10.22 11.77
N GLY A 260 -22.19 -10.09 10.47
CA GLY A 260 -21.98 -11.23 9.56
C GLY A 260 -20.73 -12.05 9.87
N ALA A 261 -20.85 -13.38 9.79
CA ALA A 261 -19.72 -14.34 9.93
C ALA A 261 -18.92 -14.38 8.62
N ASN A 262 -19.51 -13.89 7.52
CA ASN A 262 -18.90 -13.86 6.16
C ASN A 262 -19.78 -12.93 5.33
N GLU A 263 -19.48 -12.75 4.04
CA GLU A 263 -20.20 -11.75 3.18
C GLU A 263 -21.67 -12.17 3.00
N VAL A 264 -21.92 -13.46 2.78
CA VAL A 264 -23.30 -13.99 2.53
C VAL A 264 -24.11 -13.76 3.81
N ASP A 265 -23.57 -14.14 4.96
CA ASP A 265 -24.21 -13.88 6.27
C ASP A 265 -24.41 -12.36 6.45
N GLN A 266 -23.41 -11.54 6.11
CA GLN A 266 -23.49 -10.06 6.23
C GLN A 266 -24.66 -9.53 5.39
N MET A 267 -24.76 -9.91 4.11
CA MET A 267 -25.85 -9.44 3.22
C MET A 267 -27.19 -9.96 3.72
N ASN A 268 -27.24 -11.23 4.18
CA ASN A 268 -28.49 -11.85 4.70
C ASN A 268 -28.95 -11.03 5.90
N LYS A 269 -28.03 -10.62 6.78
CA LYS A 269 -28.38 -9.86 8.01
C LYS A 269 -28.87 -8.44 7.65
N ILE A 270 -28.29 -7.83 6.61
CA ILE A 270 -28.75 -6.50 6.09
C ILE A 270 -30.18 -6.66 5.54
N VAL A 271 -30.40 -7.72 4.74
CA VAL A 271 -31.73 -7.99 4.12
C VAL A 271 -32.78 -8.31 5.22
N GLU A 272 -32.41 -8.95 6.32
CA GLU A 272 -33.37 -9.18 7.44
C GLU A 272 -34.02 -7.85 7.82
N VAL A 273 -33.24 -6.78 7.85
CA VAL A 273 -33.70 -5.46 8.37
C VAL A 273 -34.31 -4.66 7.21
N LEU A 274 -33.63 -4.57 6.06
CA LEU A 274 -33.94 -3.53 5.04
C LEU A 274 -34.68 -4.12 3.83
N GLY A 275 -34.86 -5.44 3.77
CA GLY A 275 -35.56 -6.06 2.64
C GLY A 275 -34.65 -6.20 1.45
N ILE A 276 -35.19 -6.64 0.33
CA ILE A 276 -34.42 -6.97 -0.89
C ILE A 276 -33.96 -5.66 -1.49
N PRO A 277 -32.69 -5.53 -1.90
CA PRO A 277 -32.23 -4.32 -2.57
C PRO A 277 -33.01 -4.07 -3.86
N PRO A 278 -33.11 -2.81 -4.32
CA PRO A 278 -33.74 -2.52 -5.61
C PRO A 278 -33.09 -3.27 -6.79
N ALA A 279 -33.96 -3.75 -7.68
CA ALA A 279 -33.61 -4.43 -8.94
C ALA A 279 -32.56 -3.62 -9.74
N HIS A 280 -32.68 -2.29 -9.84
CA HIS A 280 -31.79 -1.48 -10.70
C HIS A 280 -30.35 -1.54 -10.15
N ILE A 281 -30.21 -1.75 -8.83
CA ILE A 281 -28.89 -1.96 -8.20
C ILE A 281 -28.43 -3.36 -8.60
N LEU A 282 -29.22 -4.41 -8.30
CA LEU A 282 -28.78 -5.83 -8.49
C LEU A 282 -28.48 -6.13 -9.97
N ASP A 283 -29.16 -5.46 -10.91
CA ASP A 283 -28.99 -5.68 -12.39
C ASP A 283 -27.59 -5.23 -12.80
N GLN A 284 -27.01 -4.26 -12.10
CA GLN A 284 -25.66 -3.69 -12.40
C GLN A 284 -24.56 -4.34 -11.53
N ALA A 285 -24.90 -5.24 -10.60
CA ALA A 285 -23.95 -5.69 -9.53
C ALA A 285 -23.23 -6.97 -9.94
N PRO A 286 -21.90 -6.93 -10.16
CA PRO A 286 -21.14 -8.12 -10.53
C PRO A 286 -21.31 -9.31 -9.57
N LYS A 287 -21.51 -9.08 -8.27
CA LYS A 287 -21.66 -10.14 -7.22
C LYS A 287 -23.13 -10.30 -6.79
N ALA A 288 -24.11 -9.74 -7.52
CA ALA A 288 -25.55 -9.95 -7.26
C ALA A 288 -25.84 -11.42 -6.95
N ARG A 289 -25.34 -12.32 -7.80
CA ARG A 289 -25.72 -13.76 -7.83
C ARG A 289 -24.96 -14.52 -6.75
N LYS A 290 -24.05 -13.87 -6.04
CA LYS A 290 -23.47 -14.50 -4.82
C LYS A 290 -24.54 -14.56 -3.72
N PHE A 291 -25.52 -13.64 -3.70
CA PHE A 291 -26.51 -13.52 -2.61
C PHE A 291 -27.95 -13.66 -3.09
N PHE A 292 -28.21 -13.34 -4.36
CA PHE A 292 -29.59 -13.22 -4.89
C PHE A 292 -29.76 -14.08 -6.15
N GLU A 293 -31.03 -14.34 -6.48
CA GLU A 293 -31.46 -15.08 -7.70
C GLU A 293 -32.34 -14.15 -8.53
N LYS A 294 -32.08 -14.03 -9.83
CA LYS A 294 -33.00 -13.31 -10.73
C LYS A 294 -34.09 -14.29 -11.20
N LEU A 295 -35.34 -13.97 -10.93
CA LEU A 295 -36.51 -14.84 -11.23
C LEU A 295 -36.98 -14.57 -12.65
N PRO A 296 -37.75 -15.50 -13.25
CA PRO A 296 -38.19 -15.35 -14.65
C PRO A 296 -38.78 -13.98 -15.01
N ASP A 297 -39.40 -13.28 -14.04
CA ASP A 297 -40.12 -12.00 -14.29
C ASP A 297 -39.17 -10.80 -14.08
N GLY A 298 -37.89 -11.03 -13.84
CA GLY A 298 -36.90 -9.95 -13.69
C GLY A 298 -36.84 -9.39 -12.28
N THR A 299 -37.63 -9.93 -11.35
CA THR A 299 -37.53 -9.60 -9.90
C THR A 299 -36.45 -10.47 -9.27
N TRP A 300 -35.91 -10.03 -8.14
CA TRP A 300 -34.82 -10.72 -7.42
C TRP A 300 -35.31 -11.20 -6.05
N ASN A 301 -34.77 -12.31 -5.53
CA ASN A 301 -35.04 -12.75 -4.13
C ASN A 301 -33.74 -13.33 -3.58
N LEU A 302 -33.66 -13.50 -2.27
CA LEU A 302 -32.53 -14.20 -1.59
C LEU A 302 -32.35 -15.59 -2.21
N LYS A 303 -31.08 -15.97 -2.44
CA LYS A 303 -30.67 -17.34 -2.84
C LYS A 303 -30.94 -18.34 -1.69
N LYS A 304 -30.95 -19.66 -2.00
CA LYS A 304 -31.37 -20.80 -1.12
C LYS A 304 -30.81 -20.66 0.30
N GLU A 311 -32.92 -20.53 9.92
CA GLU A 311 -31.70 -19.94 9.32
C GLU A 311 -31.82 -18.40 9.45
N TYR A 312 -32.61 -17.71 8.60
CA TYR A 312 -32.81 -16.23 8.65
C TYR A 312 -34.30 -15.84 8.74
N LYS A 313 -34.56 -14.74 9.47
CA LYS A 313 -35.87 -14.05 9.50
C LYS A 313 -36.16 -13.57 8.07
N PRO A 314 -37.42 -13.66 7.60
CA PRO A 314 -37.74 -13.27 6.23
C PRO A 314 -37.37 -11.81 5.97
N PRO A 315 -37.11 -11.42 4.71
CA PRO A 315 -36.67 -10.05 4.39
C PRO A 315 -37.55 -8.93 4.97
N GLY A 316 -36.92 -7.95 5.63
CA GLY A 316 -37.60 -6.77 6.21
C GLY A 316 -38.36 -7.07 7.50
N THR A 317 -38.17 -8.25 8.11
CA THR A 317 -38.93 -8.65 9.32
C THR A 317 -38.23 -8.12 10.56
N ARG A 318 -36.93 -7.90 10.52
CA ARG A 318 -36.20 -7.43 11.73
C ARG A 318 -36.15 -5.91 11.68
N LYS A 319 -37.27 -5.28 11.99
CA LYS A 319 -37.47 -3.81 11.82
C LYS A 319 -36.55 -3.06 12.76
N LEU A 320 -35.95 -1.99 12.25
CA LEU A 320 -35.22 -1.00 13.06
C LEU A 320 -36.15 -0.44 14.16
N HIS A 321 -37.43 -0.29 13.84
CA HIS A 321 -38.49 0.14 14.79
C HIS A 321 -38.41 -0.70 16.08
N ASN A 322 -38.21 -2.00 15.91
CA ASN A 322 -38.18 -3.01 17.00
C ASN A 322 -36.77 -3.09 17.60
N ILE A 323 -35.72 -3.15 16.79
CA ILE A 323 -34.32 -3.10 17.30
C ILE A 323 -34.16 -1.89 18.23
N LEU A 324 -34.65 -0.70 17.87
CA LEU A 324 -34.42 0.51 18.67
C LEU A 324 -35.40 0.58 19.86
N GLY A 325 -36.45 -0.25 19.87
CA GLY A 325 -37.55 -0.21 20.86
C GLY A 325 -38.24 1.15 20.91
N VAL A 326 -38.61 1.66 19.75
CA VAL A 326 -39.21 3.01 19.54
C VAL A 326 -40.39 3.20 20.51
N GLU A 327 -41.31 2.24 20.53
CA GLU A 327 -42.60 2.30 21.28
C GLU A 327 -42.49 1.53 22.61
N THR A 328 -41.31 0.98 22.97
CA THR A 328 -41.16 0.06 24.14
C THR A 328 -40.00 0.50 25.05
N GLY A 329 -39.67 1.80 25.08
CA GLY A 329 -38.63 2.33 25.99
C GLY A 329 -37.21 1.96 25.55
N GLY A 330 -36.95 1.92 24.25
CA GLY A 330 -35.58 1.84 23.71
C GLY A 330 -35.07 0.41 23.73
N PRO A 331 -33.77 0.23 23.44
CA PRO A 331 -33.16 -1.11 23.31
C PRO A 331 -33.35 -1.99 24.56
N GLY A 332 -33.93 -3.18 24.35
CA GLY A 332 -34.38 -4.11 25.40
C GLY A 332 -35.13 -3.42 26.53
N GLY A 333 -35.84 -2.32 26.23
CA GLY A 333 -36.71 -1.58 27.16
C GLY A 333 -35.98 -0.82 28.25
N ARG A 334 -34.65 -0.65 28.12
CA ARG A 334 -33.77 -0.15 29.22
C ARG A 334 -33.85 1.38 29.37
N ARG A 335 -34.51 2.09 28.46
CA ARG A 335 -34.58 3.57 28.51
C ARG A 335 -36.00 3.99 28.91
N ALA A 336 -36.83 3.04 29.37
CA ALA A 336 -38.21 3.28 29.88
C ALA A 336 -38.19 4.44 30.89
N GLY A 337 -38.97 5.49 30.60
CA GLY A 337 -39.02 6.73 31.39
C GLY A 337 -37.63 7.29 31.65
N GLU A 338 -36.94 7.71 30.59
CA GLU A 338 -35.68 8.52 30.65
C GLU A 338 -35.83 9.78 29.78
N SER A 339 -35.16 10.85 30.19
CA SER A 339 -35.14 12.19 29.51
C SER A 339 -34.67 12.02 28.07
N GLY A 340 -35.34 12.67 27.13
CA GLY A 340 -34.96 12.70 25.70
C GLY A 340 -34.88 11.30 25.10
N HIS A 341 -35.74 10.39 25.58
CA HIS A 341 -35.92 9.02 25.03
C HIS A 341 -37.40 8.81 24.71
N THR A 342 -38.08 9.85 24.19
CA THR A 342 -39.51 9.79 23.84
C THR A 342 -39.69 8.97 22.55
N VAL A 343 -40.90 8.51 22.29
CA VAL A 343 -41.26 7.84 21.02
C VAL A 343 -40.88 8.77 19.85
N ALA A 344 -41.14 10.07 19.95
CA ALA A 344 -40.86 11.05 18.87
C ALA A 344 -39.34 11.16 18.66
N ASP A 345 -38.55 11.18 19.74
CA ASP A 345 -37.07 11.17 19.68
C ASP A 345 -36.59 9.92 18.92
N TYR A 346 -37.13 8.75 19.24
CA TYR A 346 -36.73 7.47 18.61
C TYR A 346 -37.15 7.48 17.13
N LEU A 347 -38.30 8.05 16.82
CA LEU A 347 -38.81 8.13 15.43
C LEU A 347 -37.87 9.01 14.59
N LYS A 348 -37.37 10.11 15.15
CA LYS A 348 -36.41 10.99 14.43
C LYS A 348 -35.09 10.22 14.17
N PHE A 349 -34.56 9.56 15.20
CA PHE A 349 -33.34 8.73 15.09
C PHE A 349 -33.54 7.65 14.03
N LYS A 350 -34.68 6.97 14.06
CA LYS A 350 -34.93 5.84 13.14
C LYS A 350 -34.95 6.38 11.71
N ASP A 351 -35.59 7.54 11.50
CA ASP A 351 -35.69 8.19 10.16
C ASP A 351 -34.26 8.49 9.64
N LEU A 352 -33.43 9.13 10.45
CA LEU A 352 -32.03 9.47 10.09
C LEU A 352 -31.24 8.20 9.75
N ILE A 353 -31.30 7.17 10.59
CA ILE A 353 -30.55 5.91 10.34
C ILE A 353 -31.01 5.25 9.04
N LEU A 354 -32.33 5.09 8.83
CA LEU A 354 -32.89 4.53 7.57
C LEU A 354 -32.37 5.33 6.36
N ARG A 355 -32.19 6.65 6.48
CA ARG A 355 -31.68 7.45 5.35
C ARG A 355 -30.17 7.19 5.14
N MET A 356 -29.40 6.95 6.21
CA MET A 356 -27.97 6.54 6.12
C MET A 356 -27.89 5.10 5.61
N LEU A 357 -28.88 4.24 5.85
CA LEU A 357 -28.81 2.82 5.42
C LEU A 357 -29.63 2.60 4.14
N ASP A 358 -29.76 3.64 3.31
CA ASP A 358 -30.23 3.56 1.90
C ASP A 358 -29.32 2.61 1.11
N TYR A 359 -29.86 1.56 0.48
CA TYR A 359 -29.15 0.65 -0.45
C TYR A 359 -28.56 1.43 -1.62
N ASP A 360 -29.21 2.51 -2.06
CA ASP A 360 -28.78 3.28 -3.24
C ASP A 360 -27.77 4.35 -2.82
N PRO A 361 -26.45 4.22 -3.15
CA PRO A 361 -25.45 5.22 -2.79
C PRO A 361 -25.71 6.63 -3.34
N LYS A 362 -26.48 6.73 -4.42
CA LYS A 362 -26.87 8.01 -5.04
C LYS A 362 -27.85 8.77 -4.13
N THR A 363 -28.78 8.09 -3.47
CA THR A 363 -29.84 8.76 -2.68
C THR A 363 -29.55 8.64 -1.18
N ARG A 364 -28.47 7.95 -0.79
CA ARG A 364 -28.04 7.85 0.63
C ARG A 364 -27.80 9.28 1.11
N ILE A 365 -28.26 9.61 2.31
CA ILE A 365 -28.26 11.01 2.82
C ILE A 365 -26.80 11.49 2.90
N GLN A 366 -26.58 12.72 2.45
CA GLN A 366 -25.24 13.35 2.45
C GLN A 366 -25.08 14.12 3.76
N PRO A 367 -23.84 14.30 4.23
CA PRO A 367 -23.58 14.86 5.55
C PRO A 367 -24.30 16.17 5.84
N TYR A 368 -24.36 17.11 4.88
CA TYR A 368 -25.03 18.40 5.15
C TYR A 368 -26.48 18.12 5.56
N TYR A 369 -27.15 17.26 4.81
CA TYR A 369 -28.61 17.00 5.00
C TYR A 369 -28.83 16.19 6.27
N ALA A 370 -27.92 15.28 6.62
CA ALA A 370 -27.90 14.59 7.93
C ALA A 370 -27.90 15.64 9.03
N LEU A 371 -27.04 16.65 8.93
CA LEU A 371 -26.92 17.67 10.02
C LEU A 371 -28.22 18.49 10.12
N GLN A 372 -29.02 18.59 9.04
CA GLN A 372 -30.27 19.40 9.06
C GLN A 372 -31.43 18.55 9.57
N HIS A 373 -31.21 17.26 9.80
CA HIS A 373 -32.26 16.30 10.18
C HIS A 373 -32.88 16.74 11.51
N SER A 374 -34.20 16.55 11.66
CA SER A 374 -34.95 16.97 12.87
C SER A 374 -34.39 16.26 14.13
N PHE A 375 -33.68 15.13 13.99
CA PHE A 375 -33.04 14.41 15.12
C PHE A 375 -32.08 15.35 15.86
N PHE A 376 -31.45 16.30 15.15
CA PHE A 376 -30.50 17.30 15.74
C PHE A 376 -31.22 18.57 16.21
N LYS A 377 -32.53 18.74 16.00
CA LYS A 377 -33.27 19.98 16.39
C LYS A 377 -33.68 19.87 17.87
N LYS A 378 -32.97 20.55 18.77
CA LYS A 378 -33.25 20.55 20.23
C LYS A 378 -33.53 21.98 20.70
N LYS B 31 -12.38 -16.61 14.11
CA LYS B 31 -12.64 -15.72 12.96
C LYS B 31 -12.48 -16.50 11.66
N VAL B 32 -13.29 -16.13 10.67
CA VAL B 32 -13.18 -16.50 9.24
C VAL B 32 -12.76 -15.23 8.50
N TYR B 33 -11.92 -15.36 7.47
CA TYR B 33 -11.44 -14.26 6.61
C TYR B 33 -11.86 -14.55 5.17
N ASN B 34 -12.58 -13.61 4.58
CA ASN B 34 -13.06 -13.73 3.20
C ASN B 34 -13.74 -15.09 3.00
N ASP B 35 -14.78 -15.39 3.77
CA ASP B 35 -15.67 -16.57 3.61
C ASP B 35 -14.88 -17.89 3.77
N GLY B 36 -13.70 -17.84 4.38
CA GLY B 36 -12.84 -19.02 4.58
C GLY B 36 -11.79 -19.18 3.48
N TYR B 37 -11.73 -18.25 2.54
CA TYR B 37 -10.79 -18.32 1.39
C TYR B 37 -9.46 -17.69 1.77
N ASP B 38 -9.40 -16.91 2.85
CA ASP B 38 -8.18 -16.15 3.24
C ASP B 38 -7.66 -16.60 4.61
N ASP B 39 -6.35 -16.49 4.80
CA ASP B 39 -5.70 -16.53 6.14
C ASP B 39 -5.88 -15.16 6.80
N ASP B 40 -5.32 -14.98 7.99
CA ASP B 40 -5.47 -13.76 8.83
C ASP B 40 -4.58 -12.62 8.29
N ASN B 41 -3.82 -12.84 7.22
CA ASN B 41 -3.05 -11.79 6.53
C ASN B 41 -3.85 -11.30 5.32
N TYR B 42 -5.02 -11.89 5.06
CA TYR B 42 -5.87 -11.60 3.87
C TYR B 42 -5.10 -12.00 2.60
N ASP B 43 -4.34 -13.10 2.72
CA ASP B 43 -3.77 -13.86 1.59
C ASP B 43 -4.71 -15.01 1.26
N TYR B 44 -4.92 -15.28 -0.01
CA TYR B 44 -5.74 -16.43 -0.46
C TYR B 44 -5.10 -17.73 0.04
N ILE B 45 -5.91 -18.69 0.48
CA ILE B 45 -5.39 -20.02 0.90
C ILE B 45 -5.34 -20.87 -0.38
N VAL B 46 -4.16 -20.95 -0.98
CA VAL B 46 -3.94 -21.78 -2.19
C VAL B 46 -4.20 -23.25 -1.85
N LYS B 47 -5.07 -23.88 -2.63
CA LYS B 47 -5.36 -25.32 -2.54
C LYS B 47 -4.86 -25.95 -3.84
N ASN B 48 -3.80 -26.76 -3.76
CA ASN B 48 -3.24 -27.51 -4.91
C ASN B 48 -4.37 -28.33 -5.55
N GLY B 49 -4.58 -28.17 -6.86
CA GLY B 49 -5.57 -28.93 -7.65
C GLY B 49 -6.90 -28.22 -7.81
N GLU B 50 -7.14 -27.08 -7.16
CA GLU B 50 -8.46 -26.40 -7.27
C GLU B 50 -8.59 -25.85 -8.70
N LYS B 51 -9.80 -25.82 -9.25
CA LYS B 51 -10.08 -25.25 -10.59
C LYS B 51 -10.87 -23.96 -10.39
N TRP B 52 -10.56 -22.92 -11.17
CA TRP B 52 -11.20 -21.57 -11.10
C TRP B 52 -11.99 -21.33 -12.40
N MET B 53 -13.24 -20.89 -12.28
CA MET B 53 -14.05 -20.36 -13.41
C MET B 53 -14.04 -21.40 -14.55
N ASP B 54 -13.89 -22.67 -14.20
CA ASP B 54 -13.80 -23.79 -15.17
C ASP B 54 -12.78 -23.43 -16.26
N ARG B 55 -11.60 -22.94 -15.86
CA ARG B 55 -10.54 -22.47 -16.79
C ARG B 55 -9.14 -22.75 -16.22
N TYR B 56 -8.86 -22.34 -14.99
CA TYR B 56 -7.48 -22.40 -14.44
C TYR B 56 -7.41 -23.54 -13.42
N GLU B 57 -6.45 -24.43 -13.57
CA GLU B 57 -6.17 -25.46 -12.53
C GLU B 57 -4.91 -25.00 -11.79
N ILE B 58 -5.06 -24.70 -10.51
CA ILE B 58 -3.93 -24.24 -9.66
C ILE B 58 -3.07 -25.49 -9.44
N ASP B 59 -1.78 -25.40 -9.75
CA ASP B 59 -0.81 -26.49 -9.53
C ASP B 59 -0.10 -26.23 -8.20
N SER B 60 0.63 -25.12 -8.06
CA SER B 60 1.46 -24.88 -6.86
C SER B 60 1.81 -23.40 -6.67
N LEU B 61 2.31 -23.07 -5.48
CA LEU B 61 2.76 -21.70 -5.14
C LEU B 61 4.19 -21.51 -5.67
N ILE B 62 4.44 -20.53 -6.54
CA ILE B 62 5.81 -20.22 -7.04
C ILE B 62 6.51 -19.41 -5.97
N GLY B 63 5.91 -18.28 -5.62
CA GLY B 63 6.51 -17.26 -4.76
C GLY B 63 5.47 -16.64 -3.85
N LYS B 64 5.93 -16.11 -2.72
CA LYS B 64 5.10 -15.34 -1.78
C LYS B 64 5.92 -14.13 -1.35
N GLY B 65 5.36 -12.94 -1.49
CA GLY B 65 5.90 -11.69 -0.95
C GLY B 65 4.85 -10.97 -0.13
N SER B 66 5.17 -9.75 0.30
CA SER B 66 4.24 -8.83 1.00
C SER B 66 2.97 -8.65 0.17
N PHE B 67 3.14 -8.49 -1.15
CA PHE B 67 2.10 -8.15 -2.17
C PHE B 67 0.98 -9.19 -2.18
N GLY B 68 1.29 -10.42 -1.73
CA GLY B 68 0.45 -11.62 -1.93
C GLY B 68 1.27 -12.78 -2.45
N GLN B 69 0.73 -13.50 -3.43
CA GLN B 69 1.28 -14.81 -3.88
C GLN B 69 1.30 -14.86 -5.41
N VAL B 70 2.26 -15.60 -5.96
CA VAL B 70 2.26 -15.96 -7.39
C VAL B 70 2.06 -17.47 -7.43
N VAL B 71 1.05 -17.94 -8.17
CA VAL B 71 0.84 -19.41 -8.32
C VAL B 71 1.12 -19.81 -9.76
N LYS B 72 1.62 -21.04 -9.93
CA LYS B 72 1.67 -21.73 -11.23
C LYS B 72 0.30 -22.33 -11.47
N ALA B 73 -0.32 -22.01 -12.59
CA ALA B 73 -1.65 -22.54 -12.99
C ALA B 73 -1.61 -22.98 -14.45
N TYR B 74 -2.35 -24.03 -14.77
CA TYR B 74 -2.61 -24.42 -16.17
C TYR B 74 -3.89 -23.72 -16.62
N ASP B 75 -3.77 -22.92 -17.68
CA ASP B 75 -4.90 -22.33 -18.43
C ASP B 75 -5.42 -23.38 -19.43
N ARG B 76 -6.58 -23.99 -19.15
CA ARG B 76 -7.21 -25.04 -19.99
C ARG B 76 -7.70 -24.44 -21.31
N VAL B 77 -7.95 -23.13 -21.39
CA VAL B 77 -8.47 -22.49 -22.63
C VAL B 77 -7.32 -22.21 -23.60
N GLU B 78 -6.23 -21.62 -23.13
CA GLU B 78 -5.09 -21.25 -24.01
C GLU B 78 -4.14 -22.44 -24.10
N GLN B 79 -4.30 -23.43 -23.21
CA GLN B 79 -3.49 -24.65 -23.16
C GLN B 79 -2.03 -24.28 -22.89
N GLU B 80 -1.80 -23.55 -21.78
CA GLU B 80 -0.43 -23.12 -21.40
C GLU B 80 -0.36 -22.87 -19.90
N TRP B 81 0.83 -23.03 -19.34
CA TRP B 81 1.15 -22.58 -17.97
C TRP B 81 1.13 -21.04 -17.91
N VAL B 82 0.58 -20.49 -16.83
CA VAL B 82 0.56 -19.03 -16.54
C VAL B 82 0.97 -18.83 -15.08
N ALA B 83 1.51 -17.64 -14.76
CA ALA B 83 1.81 -17.22 -13.37
C ALA B 83 0.67 -16.31 -12.90
N ILE B 84 -0.09 -16.70 -11.89
CA ILE B 84 -1.18 -15.80 -11.42
C ILE B 84 -0.73 -15.15 -10.13
N LYS B 85 -0.66 -13.83 -10.15
CA LYS B 85 -0.32 -12.98 -8.99
C LYS B 85 -1.62 -12.64 -8.27
N ILE B 86 -1.85 -13.27 -7.12
CA ILE B 86 -3.04 -13.09 -6.24
C ILE B 86 -2.71 -12.04 -5.19
N ILE B 87 -3.23 -10.84 -5.37
CA ILE B 87 -2.90 -9.64 -4.55
C ILE B 87 -3.52 -9.81 -3.17
N LYS B 88 -2.74 -9.56 -2.12
CA LYS B 88 -3.22 -9.59 -0.71
C LYS B 88 -4.27 -8.51 -0.51
N ASN B 89 -5.35 -8.78 0.26
CA ASN B 89 -6.51 -7.85 0.38
C ASN B 89 -6.26 -6.80 1.49
N LYS B 90 -5.20 -5.99 1.33
CA LYS B 90 -4.95 -4.78 2.14
C LYS B 90 -4.61 -3.67 1.17
N LYS B 91 -5.03 -2.44 1.50
CA LYS B 91 -5.00 -1.25 0.60
C LYS B 91 -3.60 -1.06 0.01
N ALA B 92 -2.55 -1.25 0.80
CA ALA B 92 -1.15 -0.99 0.38
C ALA B 92 -0.84 -1.82 -0.85
N PHE B 93 -1.28 -3.07 -0.89
CA PHE B 93 -0.97 -4.02 -2.00
C PHE B 93 -1.94 -3.80 -3.16
N LEU B 94 -3.20 -3.50 -2.83
CA LEU B 94 -4.26 -3.22 -3.81
C LEU B 94 -3.89 -1.97 -4.62
N ASN B 95 -3.36 -0.92 -4.00
CA ASN B 95 -2.97 0.30 -4.74
C ASN B 95 -1.77 0.04 -5.66
N GLN B 96 -0.74 -0.64 -5.18
CA GLN B 96 0.41 -1.03 -6.03
C GLN B 96 -0.08 -1.83 -7.24
N ALA B 97 -0.98 -2.78 -7.02
CA ALA B 97 -1.50 -3.67 -8.08
C ALA B 97 -2.33 -2.87 -9.08
N GLN B 98 -3.11 -1.88 -8.65
CA GLN B 98 -3.89 -0.99 -9.58
C GLN B 98 -2.91 -0.29 -10.53
N ILE B 99 -1.83 0.25 -9.98
CA ILE B 99 -0.81 1.01 -10.74
C ILE B 99 -0.21 0.04 -11.77
N GLU B 100 0.16 -1.15 -11.32
CA GLU B 100 0.82 -2.20 -12.13
C GLU B 100 -0.11 -2.55 -13.31
N VAL B 101 -1.42 -2.67 -13.06
CA VAL B 101 -2.37 -3.11 -14.12
C VAL B 101 -2.43 -2.06 -15.20
N ARG B 102 -2.59 -0.80 -14.80
CA ARG B 102 -2.72 0.35 -15.73
C ARG B 102 -1.46 0.42 -16.60
N LEU B 103 -0.27 0.35 -16.01
CA LEU B 103 1.00 0.55 -16.77
C LEU B 103 1.25 -0.65 -17.69
N LEU B 104 1.04 -1.88 -17.23
CA LEU B 104 1.22 -3.06 -18.11
C LEU B 104 0.22 -3.00 -19.27
N GLU B 105 -1.00 -2.55 -19.03
CA GLU B 105 -2.02 -2.43 -20.11
C GLU B 105 -1.60 -1.33 -21.08
N LEU B 106 -1.05 -0.23 -20.58
CA LEU B 106 -0.42 0.84 -21.41
C LEU B 106 0.64 0.23 -22.34
N MET B 107 1.54 -0.58 -21.81
CA MET B 107 2.61 -1.23 -22.62
C MET B 107 1.98 -2.17 -23.65
N ASN B 108 0.92 -2.90 -23.31
CA ASN B 108 0.29 -3.87 -24.24
C ASN B 108 -0.24 -3.15 -25.50
N LYS B 109 -0.47 -1.84 -25.47
CA LYS B 109 -0.93 -1.07 -26.66
C LYS B 109 0.16 -1.00 -27.74
N HIS B 110 1.44 -1.06 -27.39
CA HIS B 110 2.56 -0.91 -28.38
C HIS B 110 2.87 -2.24 -29.07
N ASP B 111 3.35 -2.19 -30.32
CA ASP B 111 3.54 -3.38 -31.20
C ASP B 111 5.02 -3.74 -31.33
N THR B 112 5.89 -2.94 -30.72
CA THR B 112 7.37 -3.06 -30.80
C THR B 112 7.89 -4.46 -30.43
N GLU B 113 9.10 -4.87 -30.85
CA GLU B 113 9.72 -6.11 -30.31
C GLU B 113 10.47 -5.81 -29.00
N MET B 114 10.74 -4.53 -28.73
CA MET B 114 11.31 -3.96 -27.47
C MET B 114 10.46 -4.36 -26.24
N LYS B 115 9.13 -4.37 -26.37
CA LYS B 115 8.18 -4.69 -25.27
C LYS B 115 8.37 -6.13 -24.77
N TYR B 116 8.99 -7.05 -25.54
CA TYR B 116 9.19 -8.46 -25.11
C TYR B 116 10.29 -8.62 -24.05
N TYR B 117 11.00 -7.56 -23.63
CA TYR B 117 11.91 -7.61 -22.45
C TYR B 117 11.14 -7.22 -21.19
N ILE B 118 9.82 -7.13 -21.30
CA ILE B 118 8.90 -6.77 -20.19
C ILE B 118 7.92 -7.94 -20.09
N VAL B 119 7.64 -8.43 -18.89
CA VAL B 119 6.64 -9.51 -18.65
C VAL B 119 5.31 -9.10 -19.28
N HIS B 120 4.63 -10.06 -19.87
CA HIS B 120 3.32 -9.87 -20.55
C HIS B 120 2.19 -10.15 -19.55
N LEU B 121 1.41 -9.12 -19.21
CA LEU B 121 0.11 -9.29 -18.53
C LEU B 121 -0.93 -9.74 -19.55
N LYS B 122 -1.37 -11.00 -19.46
CA LYS B 122 -2.32 -11.61 -20.43
C LYS B 122 -3.72 -11.07 -20.15
N ARG B 123 -4.12 -11.07 -18.87
CA ARG B 123 -5.41 -10.48 -18.40
C ARG B 123 -5.36 -10.31 -16.89
N HIS B 124 -6.37 -9.63 -16.37
CA HIS B 124 -6.60 -9.47 -14.92
C HIS B 124 -8.07 -9.66 -14.66
N PHE B 125 -8.44 -10.13 -13.47
CA PHE B 125 -9.85 -10.29 -13.04
C PHE B 125 -9.91 -10.32 -11.52
N MET B 126 -11.12 -10.15 -11.00
CA MET B 126 -11.49 -10.31 -9.58
C MET B 126 -12.00 -11.74 -9.44
N PHE B 127 -11.53 -12.46 -8.41
CA PHE B 127 -11.95 -13.83 -8.07
C PHE B 127 -11.88 -13.99 -6.56
N ARG B 128 -13.01 -14.34 -5.95
CA ARG B 128 -13.15 -14.55 -4.49
C ARG B 128 -12.56 -13.36 -3.74
N ASN B 129 -12.86 -12.16 -4.25
CA ASN B 129 -12.54 -10.81 -3.71
C ASN B 129 -11.03 -10.51 -3.83
N HIS B 130 -10.28 -11.24 -4.66
CA HIS B 130 -8.85 -10.93 -4.92
C HIS B 130 -8.67 -10.40 -6.35
N LEU B 131 -8.00 -9.27 -6.50
CA LEU B 131 -7.42 -8.87 -7.81
C LEU B 131 -6.37 -9.93 -8.18
N CYS B 132 -6.53 -10.56 -9.35
CA CYS B 132 -5.62 -11.58 -9.90
C CYS B 132 -5.03 -11.11 -11.23
N LEU B 133 -3.70 -11.17 -11.36
CA LEU B 133 -2.99 -10.75 -12.58
C LEU B 133 -2.43 -12.01 -13.22
N VAL B 134 -2.85 -12.28 -14.46
CA VAL B 134 -2.38 -13.47 -15.21
C VAL B 134 -1.19 -13.07 -16.08
N PHE B 135 -0.01 -13.56 -15.75
CA PHE B 135 1.22 -13.32 -16.50
C PHE B 135 1.60 -14.59 -17.26
N GLU B 136 2.38 -14.40 -18.32
CA GLU B 136 3.14 -15.50 -18.98
C GLU B 136 4.00 -16.17 -17.91
N MET B 137 4.08 -17.51 -17.94
CA MET B 137 4.93 -18.29 -17.04
C MET B 137 6.41 -18.05 -17.44
N LEU B 138 7.23 -17.60 -16.49
CA LEU B 138 8.70 -17.45 -16.70
C LEU B 138 9.40 -18.45 -15.77
N SER B 139 10.69 -18.28 -15.55
CA SER B 139 11.55 -19.18 -14.75
C SER B 139 12.02 -18.44 -13.49
N TYR B 140 13.19 -18.86 -12.96
CA TYR B 140 13.90 -18.29 -11.79
C TYR B 140 14.28 -16.85 -12.07
N ASN B 141 14.48 -16.06 -11.01
CA ASN B 141 14.91 -14.65 -11.09
C ASN B 141 16.44 -14.61 -10.96
N LEU B 142 17.05 -13.43 -11.16
CA LEU B 142 18.52 -13.27 -11.25
C LEU B 142 19.13 -13.37 -9.86
N TYR B 143 18.37 -13.16 -8.79
CA TYR B 143 18.85 -13.49 -7.42
C TYR B 143 18.97 -15.02 -7.23
N ASP B 144 17.98 -15.80 -7.69
CA ASP B 144 18.04 -17.29 -7.68
C ASP B 144 19.26 -17.75 -8.48
N LEU B 145 19.56 -17.08 -9.58
CA LEU B 145 20.73 -17.41 -10.44
C LEU B 145 22.02 -17.10 -9.66
N LEU B 146 22.11 -15.96 -8.98
CA LEU B 146 23.29 -15.59 -8.18
C LEU B 146 23.48 -16.62 -7.06
N ARG B 147 22.39 -16.96 -6.37
CA ARG B 147 22.38 -18.00 -5.30
C ARG B 147 22.94 -19.30 -5.89
N ASN B 148 22.59 -19.64 -7.12
CA ASN B 148 23.04 -20.92 -7.71
C ASN B 148 24.54 -20.87 -8.05
N THR B 149 25.12 -19.67 -8.24
CA THR B 149 26.59 -19.45 -8.41
C THR B 149 27.29 -19.32 -7.05
N ASN B 150 26.56 -19.45 -5.94
CA ASN B 150 27.05 -19.19 -4.55
C ASN B 150 27.62 -17.77 -4.43
N PHE B 151 26.97 -16.79 -5.06
CA PHE B 151 27.32 -15.36 -4.98
C PHE B 151 28.75 -15.17 -5.48
N ARG B 152 29.14 -15.95 -6.50
CA ARG B 152 30.45 -15.76 -7.19
C ARG B 152 30.24 -15.07 -8.54
N GLY B 153 28.99 -15.06 -9.03
CA GLY B 153 28.58 -14.32 -10.23
C GLY B 153 28.57 -15.19 -11.48
N VAL B 154 28.12 -14.64 -12.60
CA VAL B 154 28.11 -15.34 -13.91
C VAL B 154 29.20 -14.73 -14.77
N SER B 155 29.46 -15.30 -15.96
CA SER B 155 30.51 -14.85 -16.90
C SER B 155 30.18 -13.46 -17.43
N LEU B 156 31.18 -12.78 -17.95
CA LEU B 156 31.03 -11.42 -18.54
C LEU B 156 30.20 -11.57 -19.82
N ASN B 157 30.30 -12.71 -20.50
CA ASN B 157 29.55 -12.93 -21.75
C ASN B 157 28.05 -13.02 -21.41
N LEU B 158 27.69 -13.66 -20.29
CA LEU B 158 26.27 -13.73 -19.87
C LEU B 158 25.84 -12.33 -19.42
N THR B 159 26.72 -11.65 -18.65
CA THR B 159 26.49 -10.29 -18.11
C THR B 159 26.18 -9.36 -19.28
N ARG B 160 26.92 -9.53 -20.37
CA ARG B 160 26.81 -8.72 -21.60
C ARG B 160 25.42 -8.96 -22.22
N LYS B 161 24.99 -10.21 -22.35
CA LYS B 161 23.65 -10.55 -22.88
C LYS B 161 22.56 -9.89 -22.03
N PHE B 162 22.66 -9.98 -20.71
CA PHE B 162 21.66 -9.44 -19.76
C PHE B 162 21.62 -7.90 -19.86
N ALA B 163 22.79 -7.28 -19.95
CA ALA B 163 22.93 -5.81 -20.04
C ALA B 163 22.22 -5.32 -21.31
N GLN B 164 22.37 -6.05 -22.42
CA GLN B 164 21.80 -5.62 -23.73
C GLN B 164 20.27 -5.66 -23.60
N GLN B 165 19.75 -6.69 -22.95
CA GLN B 165 18.29 -6.91 -22.82
C GLN B 165 17.72 -5.86 -21.88
N MET B 166 18.41 -5.56 -20.78
CA MET B 166 17.92 -4.56 -19.81
C MET B 166 17.99 -3.16 -20.45
N CYS B 167 19.05 -2.80 -21.17
CA CYS B 167 19.12 -1.48 -21.84
C CYS B 167 17.96 -1.36 -22.85
N THR B 168 17.62 -2.44 -23.54
CA THR B 168 16.51 -2.47 -24.52
C THR B 168 15.17 -2.31 -23.78
N ALA B 169 15.01 -2.92 -22.61
CA ALA B 169 13.78 -2.77 -21.80
C ALA B 169 13.66 -1.31 -21.36
N LEU B 170 14.75 -0.71 -20.92
CA LEU B 170 14.75 0.70 -20.43
C LEU B 170 14.46 1.62 -21.61
N LEU B 171 14.98 1.29 -22.80
CA LEU B 171 14.69 2.05 -24.04
C LEU B 171 13.17 2.00 -24.33
N PHE B 172 12.57 0.82 -24.20
CA PHE B 172 11.11 0.68 -24.39
C PHE B 172 10.39 1.56 -23.37
N LEU B 173 10.72 1.45 -22.10
CA LEU B 173 10.02 2.19 -21.01
C LEU B 173 10.12 3.70 -21.22
N ALA B 174 11.18 4.23 -21.83
CA ALA B 174 11.39 5.69 -22.04
C ALA B 174 10.62 6.19 -23.28
N THR B 175 10.04 5.32 -24.10
CA THR B 175 9.10 5.74 -25.17
C THR B 175 8.22 6.86 -24.61
N PRO B 176 8.06 8.00 -25.32
CA PRO B 176 7.37 9.17 -24.76
C PRO B 176 5.94 8.90 -24.24
N GLU B 177 5.11 8.13 -24.96
CA GLU B 177 3.71 7.86 -24.54
C GLU B 177 3.72 7.02 -23.25
N LEU B 178 4.84 6.37 -22.89
CA LEU B 178 4.94 5.55 -21.66
C LEU B 178 5.62 6.39 -20.58
N SER B 179 6.91 6.68 -20.74
CA SER B 179 7.70 7.44 -19.73
C SER B 179 7.57 6.77 -18.36
N ILE B 180 7.69 5.45 -18.34
CA ILE B 180 7.59 4.63 -17.10
C ILE B 180 8.98 4.55 -16.43
N ILE B 181 9.03 4.94 -15.16
CA ILE B 181 10.12 4.65 -14.20
C ILE B 181 9.74 3.40 -13.42
N HIS B 182 10.54 2.33 -13.50
CA HIS B 182 10.23 1.05 -12.82
C HIS B 182 10.26 1.31 -11.31
N CYS B 183 11.29 2.01 -10.85
CA CYS B 183 11.50 2.43 -9.43
C CYS B 183 11.87 1.27 -8.49
N ASP B 184 12.00 0.04 -8.95
CA ASP B 184 12.43 -1.03 -8.02
C ASP B 184 13.22 -2.09 -8.78
N LEU B 185 14.08 -1.68 -9.70
CA LEU B 185 14.96 -2.62 -10.43
C LEU B 185 15.89 -3.27 -9.42
N LYS B 186 15.93 -4.58 -9.43
CA LYS B 186 16.90 -5.38 -8.62
C LYS B 186 16.86 -6.78 -9.17
N PRO B 187 17.85 -7.62 -8.86
CA PRO B 187 17.95 -8.97 -9.42
C PRO B 187 16.65 -9.77 -9.24
N GLU B 188 15.97 -9.63 -8.12
CA GLU B 188 14.73 -10.40 -7.84
C GLU B 188 13.65 -10.02 -8.85
N ASN B 189 13.69 -8.80 -9.43
CA ASN B 189 12.64 -8.26 -10.35
C ASN B 189 13.07 -8.46 -11.81
N ILE B 190 14.04 -9.34 -12.04
CA ILE B 190 14.46 -9.75 -13.41
C ILE B 190 14.40 -11.27 -13.47
N LEU B 191 13.65 -11.83 -14.41
CA LEU B 191 13.37 -13.28 -14.46
C LEU B 191 13.90 -13.84 -15.74
N LEU B 192 14.42 -15.08 -15.68
CA LEU B 192 14.76 -15.85 -16.91
C LEU B 192 13.45 -16.29 -17.55
N CYS B 193 13.39 -16.37 -18.88
CA CYS B 193 12.24 -16.99 -19.59
C CYS B 193 12.27 -18.51 -19.45
N ASN B 194 13.47 -19.06 -19.54
CA ASN B 194 13.79 -20.51 -19.56
C ASN B 194 15.04 -20.73 -18.72
N PRO B 195 15.08 -21.82 -17.91
CA PRO B 195 16.20 -22.05 -16.99
C PRO B 195 17.58 -22.15 -17.66
N LYS B 196 17.66 -22.63 -18.92
CA LYS B 196 18.95 -22.96 -19.60
C LYS B 196 19.24 -21.96 -20.73
N ARG B 197 18.47 -20.88 -20.83
CA ARG B 197 18.68 -19.83 -21.86
C ARG B 197 18.93 -18.49 -21.17
N SER B 198 19.38 -17.50 -21.92
CA SER B 198 19.85 -16.21 -21.37
C SER B 198 18.77 -15.13 -21.54
N ALA B 199 17.62 -15.49 -22.08
CA ALA B 199 16.53 -14.52 -22.28
C ALA B 199 16.01 -14.04 -20.91
N ILE B 200 15.76 -12.74 -20.74
CA ILE B 200 15.21 -12.21 -19.46
C ILE B 200 14.07 -11.24 -19.73
N LYS B 201 13.28 -10.98 -18.68
CA LYS B 201 12.16 -10.00 -18.65
C LYS B 201 12.11 -9.33 -17.29
N ILE B 202 11.69 -8.05 -17.29
CA ILE B 202 11.47 -7.24 -16.07
C ILE B 202 10.06 -7.51 -15.55
N VAL B 203 9.92 -7.71 -14.24
CA VAL B 203 8.60 -7.93 -13.59
C VAL B 203 8.45 -6.93 -12.47
N ASP B 204 7.22 -6.84 -11.98
CA ASP B 204 6.81 -6.12 -10.75
C ASP B 204 6.84 -4.60 -10.99
N PHE B 205 5.74 -4.07 -11.52
CA PHE B 205 5.57 -2.63 -11.77
C PHE B 205 4.71 -2.03 -10.66
N GLY B 206 4.68 -2.68 -9.50
CA GLY B 206 3.81 -2.28 -8.38
C GLY B 206 4.31 -1.01 -7.73
N SER B 207 5.61 -0.71 -7.83
CA SER B 207 6.21 0.56 -7.32
C SER B 207 6.42 1.60 -8.44
N SER B 208 5.99 1.31 -9.65
CA SER B 208 6.27 2.13 -10.86
C SER B 208 5.46 3.43 -10.88
N CYS B 209 5.89 4.38 -11.70
CA CYS B 209 5.11 5.62 -11.95
C CYS B 209 5.46 6.14 -13.34
N GLN B 210 4.63 7.02 -13.87
CA GLN B 210 4.98 7.78 -15.08
C GLN B 210 5.70 9.03 -14.62
N LEU B 211 6.64 9.48 -15.43
CA LEU B 211 7.38 10.73 -15.20
C LEU B 211 6.39 11.88 -14.99
N GLY B 212 6.70 12.79 -14.07
CA GLY B 212 5.88 13.98 -13.78
C GLY B 212 4.75 13.70 -12.79
N GLN B 213 4.91 12.68 -11.94
CA GLN B 213 4.00 12.42 -10.78
C GLN B 213 4.55 13.18 -9.58
N ARG B 214 3.96 12.98 -8.39
CA ARG B 214 4.45 13.58 -7.12
C ARG B 214 5.82 13.00 -6.81
N ILE B 215 6.77 13.84 -6.35
CA ILE B 215 8.16 13.42 -5.98
C ILE B 215 8.13 12.88 -4.55
N TYR B 216 8.51 11.60 -4.40
CA TYR B 216 8.49 10.86 -3.11
C TYR B 216 9.93 10.56 -2.71
N GLN B 217 10.21 10.62 -1.42
CA GLN B 217 11.52 10.13 -0.89
C GLN B 217 11.36 8.64 -0.63
N PTR B 218 12.51 7.99 -0.44
CA PTR B 218 12.59 6.61 0.04
C PTR B 218 12.02 5.63 -0.99
O PTR B 218 11.58 4.55 -0.63
CB PTR B 218 11.95 6.50 1.43
CG PTR B 218 12.58 7.40 2.47
CD1 PTR B 218 13.87 7.16 2.92
CD2 PTR B 218 11.90 8.50 2.97
CE1 PTR B 218 14.48 7.98 3.85
CE2 PTR B 218 12.49 9.35 3.91
CZ PTR B 218 13.78 9.07 4.32
OH PTR B 218 14.46 9.85 5.26
P PTR B 218 14.25 11.40 5.48
O1P PTR B 218 15.57 11.74 6.14
O2P PTR B 218 14.08 12.10 4.16
O3P PTR B 218 13.06 11.70 6.39
N ILE B 219 12.07 5.99 -2.27
CA ILE B 219 11.75 5.04 -3.32
C ILE B 219 13.02 4.26 -3.71
N GLN B 220 12.83 3.14 -4.40
CA GLN B 220 13.85 2.16 -4.86
C GLN B 220 14.30 1.30 -3.66
N SER B 221 14.66 0.03 -3.88
CA SER B 221 15.35 -0.76 -2.84
C SER B 221 16.67 -0.06 -2.57
N ARG B 222 16.98 0.14 -1.29
CA ARG B 222 18.15 0.88 -0.81
C ARG B 222 19.43 0.56 -1.62
N PHE B 223 19.81 -0.70 -1.80
CA PHE B 223 21.11 -1.05 -2.42
C PHE B 223 21.18 -0.48 -3.85
N TYR B 224 20.01 -0.29 -4.51
CA TYR B 224 19.89 0.12 -5.92
C TYR B 224 19.36 1.54 -6.01
N ARG B 225 19.31 2.24 -4.88
CA ARG B 225 18.71 3.58 -4.79
C ARG B 225 19.72 4.62 -5.29
N SER B 226 19.28 5.44 -6.25
CA SER B 226 20.07 6.50 -6.93
C SER B 226 20.41 7.64 -5.97
N PRO B 227 21.51 8.38 -6.24
CA PRO B 227 21.92 9.53 -5.44
C PRO B 227 20.85 10.63 -5.36
N GLU B 228 20.18 10.92 -6.47
CA GLU B 228 19.13 11.98 -6.51
C GLU B 228 18.02 11.60 -5.50
N VAL B 229 17.65 10.32 -5.37
CA VAL B 229 16.59 9.92 -4.40
C VAL B 229 17.14 9.99 -2.96
N LEU B 230 18.35 9.49 -2.72
CA LEU B 230 19.00 9.61 -1.38
C LEU B 230 19.03 11.09 -0.98
N LEU B 231 19.30 11.99 -1.93
CA LEU B 231 19.50 13.43 -1.63
C LEU B 231 18.15 14.14 -1.52
N GLY B 232 17.06 13.41 -1.78
CA GLY B 232 15.69 13.95 -1.75
C GLY B 232 15.47 14.97 -2.85
N MET B 233 16.12 14.78 -4.00
CA MET B 233 15.94 15.64 -5.21
C MET B 233 14.85 15.04 -6.10
N PRO B 234 14.35 15.83 -7.08
CA PRO B 234 13.48 15.31 -8.14
C PRO B 234 14.18 14.22 -8.96
N TYR B 235 13.40 13.29 -9.52
CA TYR B 235 13.94 12.10 -10.21
C TYR B 235 13.14 11.83 -11.48
N ASP B 236 13.79 11.13 -12.40
CA ASP B 236 13.26 10.79 -13.74
C ASP B 236 13.67 9.33 -14.05
N LEU B 237 13.68 8.96 -15.33
CA LEU B 237 13.92 7.55 -15.76
C LEU B 237 15.38 7.16 -15.50
N ALA B 238 16.30 8.13 -15.40
CA ALA B 238 17.72 7.90 -15.08
C ALA B 238 17.89 7.08 -13.79
N ILE B 239 16.94 7.12 -12.85
CA ILE B 239 17.15 6.37 -11.58
C ILE B 239 17.22 4.86 -11.90
N ASP B 240 16.56 4.40 -12.95
CA ASP B 240 16.54 2.97 -13.35
C ASP B 240 17.89 2.61 -13.96
N MET B 241 18.59 3.55 -14.59
CA MET B 241 19.94 3.28 -15.16
C MET B 241 20.95 3.13 -14.01
N TRP B 242 20.78 3.93 -12.95
CA TRP B 242 21.63 3.81 -11.75
C TRP B 242 21.50 2.39 -11.20
N SER B 243 20.25 1.97 -10.93
CA SER B 243 19.92 0.59 -10.49
C SER B 243 20.58 -0.42 -11.44
N LEU B 244 20.48 -0.19 -12.75
CA LEU B 244 21.02 -1.18 -13.71
C LEU B 244 22.56 -1.29 -13.58
N GLY B 245 23.29 -0.18 -13.45
CA GLY B 245 24.75 -0.20 -13.23
C GLY B 245 25.10 -1.05 -12.02
N CYS B 246 24.36 -0.86 -10.94
CA CYS B 246 24.53 -1.64 -9.69
C CYS B 246 24.28 -3.13 -9.93
N ILE B 247 23.30 -3.45 -10.73
CA ILE B 247 22.86 -4.86 -10.92
C ILE B 247 23.92 -5.58 -11.74
N LEU B 248 24.41 -4.93 -12.79
CA LEU B 248 25.37 -5.55 -13.75
C LEU B 248 26.68 -5.88 -13.03
N VAL B 249 27.14 -5.03 -12.11
CA VAL B 249 28.35 -5.33 -11.32
C VAL B 249 28.05 -6.57 -10.49
N GLU B 250 26.92 -6.56 -9.78
CA GLU B 250 26.49 -7.64 -8.87
C GLU B 250 26.33 -8.94 -9.63
N MET B 251 25.81 -8.92 -10.87
CA MET B 251 25.61 -10.16 -11.68
C MET B 251 26.96 -10.81 -12.01
N HIS B 252 28.01 -10.02 -12.24
CA HIS B 252 29.36 -10.53 -12.57
C HIS B 252 30.15 -10.84 -11.29
N THR B 253 30.06 -10.05 -10.23
CA THR B 253 30.91 -10.23 -9.01
C THR B 253 30.24 -11.19 -8.05
N GLY B 254 28.91 -11.28 -8.07
CA GLY B 254 28.09 -12.11 -7.17
C GLY B 254 27.66 -11.36 -5.91
N GLU B 255 28.07 -10.11 -5.71
CA GLU B 255 27.65 -9.39 -4.48
C GLU B 255 27.20 -7.95 -4.78
N PRO B 256 26.28 -7.41 -3.96
CA PRO B 256 25.84 -6.03 -4.10
C PRO B 256 27.03 -5.06 -4.15
N LEU B 257 26.97 -4.07 -5.03
CA LEU B 257 28.03 -3.04 -5.18
C LEU B 257 28.00 -2.14 -3.93
N PHE B 258 26.82 -1.70 -3.52
CA PHE B 258 26.60 -0.77 -2.39
C PHE B 258 25.57 -1.35 -1.42
N SER B 259 26.04 -2.07 -0.41
CA SER B 259 25.18 -2.77 0.58
C SER B 259 24.96 -1.93 1.84
N GLY B 260 24.38 -0.73 1.72
CA GLY B 260 24.08 0.15 2.87
C GLY B 260 22.99 -0.41 3.80
N ALA B 261 23.20 -0.35 5.11
CA ALA B 261 22.24 -0.77 6.17
C ALA B 261 21.19 0.32 6.40
N ASN B 262 21.47 1.55 6.03
CA ASN B 262 20.52 2.70 6.07
C ASN B 262 20.98 3.72 5.04
N GLU B 263 20.26 4.84 4.91
CA GLU B 263 20.56 5.86 3.90
C GLU B 263 21.98 6.41 4.12
N VAL B 264 22.42 6.57 5.37
CA VAL B 264 23.76 7.19 5.67
C VAL B 264 24.86 6.24 5.17
N ASP B 265 24.78 4.97 5.56
CA ASP B 265 25.72 3.89 5.16
C ASP B 265 25.70 3.71 3.64
N GLN B 266 24.51 3.80 3.04
CA GLN B 266 24.33 3.69 1.56
C GLN B 266 25.11 4.79 0.87
N MET B 267 24.89 6.07 1.21
CA MET B 267 25.60 7.21 0.55
C MET B 267 27.11 7.06 0.79
N ASN B 268 27.52 6.60 1.97
CA ASN B 268 28.94 6.43 2.32
C ASN B 268 29.56 5.35 1.42
N LYS B 269 28.85 4.25 1.16
CA LYS B 269 29.41 3.15 0.33
C LYS B 269 29.54 3.64 -1.12
N ILE B 270 28.61 4.47 -1.58
CA ILE B 270 28.67 5.08 -2.94
C ILE B 270 29.91 5.99 -3.01
N VAL B 271 30.16 6.78 -1.97
CA VAL B 271 31.27 7.77 -1.98
C VAL B 271 32.61 7.04 -1.95
N GLU B 272 32.75 5.94 -1.21
CA GLU B 272 33.93 5.06 -1.23
C GLU B 272 34.35 4.82 -2.69
N VAL B 273 33.39 4.47 -3.54
CA VAL B 273 33.71 4.13 -4.96
C VAL B 273 33.78 5.40 -5.82
N LEU B 274 32.86 6.34 -5.68
CA LEU B 274 32.68 7.37 -6.73
C LEU B 274 33.18 8.72 -6.22
N GLY B 275 33.57 8.83 -4.96
CA GLY B 275 34.01 10.11 -4.39
C GLY B 275 32.84 11.03 -4.07
N ILE B 276 33.14 12.22 -3.56
CA ILE B 276 32.11 13.21 -3.11
C ILE B 276 31.33 13.62 -4.34
N PRO B 277 29.98 13.67 -4.27
CA PRO B 277 29.20 14.13 -5.41
C PRO B 277 29.58 15.57 -5.76
N PRO B 278 29.38 16.00 -7.02
CA PRO B 278 29.70 17.37 -7.41
C PRO B 278 28.93 18.41 -6.58
N ALA B 279 29.61 19.53 -6.34
CA ALA B 279 29.17 20.66 -5.49
C ALA B 279 27.83 21.14 -6.00
N HIS B 280 27.69 21.21 -7.34
CA HIS B 280 26.50 21.77 -8.02
C HIS B 280 25.24 20.94 -7.70
N ILE B 281 25.39 19.65 -7.37
CA ILE B 281 24.24 18.81 -6.95
C ILE B 281 24.03 19.01 -5.45
N LEU B 282 25.10 18.88 -4.67
CA LEU B 282 25.04 18.98 -3.19
C LEU B 282 24.50 20.33 -2.72
N ASP B 283 24.75 21.43 -3.47
CA ASP B 283 24.29 22.80 -3.14
C ASP B 283 22.75 22.87 -3.21
N GLN B 284 22.13 22.12 -4.11
CA GLN B 284 20.64 22.17 -4.29
C GLN B 284 19.98 20.87 -3.77
N ALA B 285 20.66 20.10 -2.91
CA ALA B 285 20.14 18.83 -2.35
C ALA B 285 19.47 19.11 -1.02
N PRO B 286 18.13 18.95 -0.93
CA PRO B 286 17.43 19.13 0.34
C PRO B 286 18.05 18.30 1.48
N LYS B 287 18.58 17.11 1.18
CA LYS B 287 19.12 16.21 2.22
C LYS B 287 20.65 16.14 2.18
N ALA B 288 21.36 17.12 1.61
CA ALA B 288 22.85 17.09 1.61
C ALA B 288 23.36 16.98 3.05
N ARG B 289 22.75 17.66 4.02
CA ARG B 289 23.31 17.74 5.40
C ARG B 289 22.90 16.51 6.23
N LYS B 290 22.21 15.53 5.63
CA LYS B 290 22.06 14.18 6.24
C LYS B 290 23.41 13.42 6.15
N PHE B 291 24.22 13.68 5.12
CA PHE B 291 25.44 12.86 4.80
C PHE B 291 26.73 13.70 4.83
N PHE B 292 26.64 14.97 4.43
CA PHE B 292 27.81 15.85 4.22
C PHE B 292 27.75 17.03 5.21
N GLU B 293 28.93 17.53 5.60
CA GLU B 293 29.12 18.84 6.29
C GLU B 293 30.17 19.61 5.49
N LYS B 294 30.70 20.69 6.05
CA LYS B 294 31.77 21.49 5.37
C LYS B 294 32.96 21.61 6.33
N LEU B 295 34.17 21.43 5.79
CA LEU B 295 35.43 21.83 6.45
C LEU B 295 35.56 23.36 6.40
N PRO B 296 36.33 23.99 7.33
CA PRO B 296 36.45 25.45 7.41
C PRO B 296 36.75 26.23 6.11
N ASP B 297 37.28 25.58 5.07
CA ASP B 297 37.52 26.21 3.73
C ASP B 297 36.25 26.18 2.85
N GLY B 298 35.12 25.64 3.33
CA GLY B 298 33.82 25.65 2.65
C GLY B 298 33.68 24.56 1.58
N THR B 299 34.48 23.49 1.61
CA THR B 299 34.35 22.36 0.66
C THR B 299 33.57 21.23 1.33
N TRP B 300 32.69 20.59 0.56
CA TRP B 300 31.80 19.48 0.99
C TRP B 300 32.63 18.29 1.48
N ASN B 301 32.19 17.66 2.56
CA ASN B 301 32.95 16.60 3.26
C ASN B 301 31.95 15.62 3.86
N LEU B 302 32.31 14.35 3.97
CA LEU B 302 31.46 13.38 4.71
C LEU B 302 31.42 13.74 6.21
N LYS B 303 30.31 13.42 6.87
CA LYS B 303 30.29 13.22 8.33
C LYS B 303 30.95 11.88 8.64
N GLU B 311 36.24 4.22 9.06
CA GLU B 311 35.24 3.13 8.94
C GLU B 311 34.95 2.89 7.46
N TYR B 312 35.20 3.88 6.64
CA TYR B 312 35.15 3.66 5.18
C TYR B 312 36.54 3.90 4.61
N LYS B 313 36.86 3.22 3.51
CA LYS B 313 37.92 3.64 2.54
C LYS B 313 37.64 5.09 2.12
N PRO B 314 38.65 5.98 2.04
CA PRO B 314 38.42 7.39 1.73
C PRO B 314 37.71 7.60 0.40
N PRO B 315 37.02 8.74 0.21
CA PRO B 315 36.25 8.97 -1.02
C PRO B 315 37.01 8.64 -2.31
N GLY B 316 36.42 7.81 -3.17
CA GLY B 316 36.86 7.60 -4.57
C GLY B 316 37.98 6.56 -4.71
N THR B 317 38.35 5.87 -3.63
CA THR B 317 39.56 4.99 -3.57
C THR B 317 39.19 3.50 -3.67
N ARG B 318 37.91 3.16 -3.54
CA ARG B 318 37.43 1.78 -3.77
C ARG B 318 37.11 1.70 -5.26
N LYS B 319 38.09 1.37 -6.09
CA LYS B 319 37.96 1.52 -7.56
C LYS B 319 37.19 0.33 -8.10
N LEU B 320 36.34 0.62 -9.07
CA LEU B 320 35.60 -0.38 -9.84
C LEU B 320 36.62 -1.24 -10.60
N HIS B 321 37.74 -0.61 -10.98
CA HIS B 321 38.88 -1.26 -11.67
C HIS B 321 39.30 -2.49 -10.85
N ASN B 322 39.38 -2.34 -9.52
CA ASN B 322 39.81 -3.41 -8.60
C ASN B 322 38.61 -4.32 -8.26
N ILE B 323 37.41 -3.75 -8.10
CA ILE B 323 36.18 -4.55 -7.76
C ILE B 323 35.95 -5.57 -8.87
N LEU B 324 36.15 -5.20 -10.13
CA LEU B 324 35.90 -6.07 -11.32
C LEU B 324 37.11 -6.97 -11.61
N GLY B 325 38.27 -6.72 -11.01
CA GLY B 325 39.48 -7.52 -11.27
C GLY B 325 39.89 -7.37 -12.71
N VAL B 326 39.91 -6.13 -13.21
CA VAL B 326 40.09 -5.81 -14.65
C VAL B 326 41.33 -6.53 -15.18
N GLU B 327 42.38 -6.59 -14.36
CA GLU B 327 43.73 -7.02 -14.78
C GLU B 327 44.07 -8.40 -14.22
N THR B 328 43.20 -8.99 -13.41
CA THR B 328 43.51 -10.21 -12.64
C THR B 328 42.52 -11.32 -13.03
N GLY B 329 42.11 -11.36 -14.30
CA GLY B 329 41.19 -12.40 -14.82
C GLY B 329 39.85 -12.33 -14.13
N GLY B 330 39.45 -11.11 -13.75
CA GLY B 330 38.12 -10.78 -13.22
C GLY B 330 37.87 -11.36 -11.84
N PRO B 331 36.59 -11.34 -11.41
CA PRO B 331 36.19 -11.94 -10.13
C PRO B 331 36.69 -13.39 -10.01
N GLY B 332 37.43 -13.68 -8.93
CA GLY B 332 37.94 -15.03 -8.62
C GLY B 332 39.19 -15.41 -9.41
N GLY B 333 39.61 -14.60 -10.40
CA GLY B 333 40.82 -14.81 -11.21
C GLY B 333 40.64 -15.85 -12.30
N ARG B 334 39.44 -16.40 -12.49
CA ARG B 334 39.23 -17.67 -13.25
C ARG B 334 38.82 -17.40 -14.70
N ARG B 335 38.76 -16.13 -15.11
CA ARG B 335 38.33 -15.78 -16.48
C ARG B 335 39.55 -15.46 -17.34
N ALA B 336 40.77 -15.55 -16.78
CA ALA B 336 42.02 -15.26 -17.53
C ALA B 336 42.03 -16.10 -18.81
N GLY B 337 42.07 -15.44 -19.98
CA GLY B 337 42.19 -16.09 -21.31
C GLY B 337 40.87 -16.57 -21.92
N GLU B 338 39.71 -16.33 -21.29
CA GLU B 338 38.39 -16.70 -21.87
C GLU B 338 37.99 -15.73 -22.99
N SER B 339 37.31 -16.24 -24.03
CA SER B 339 36.55 -15.45 -25.03
C SER B 339 35.75 -14.36 -24.30
N GLY B 340 35.81 -13.11 -24.79
CA GLY B 340 35.01 -11.96 -24.33
C GLY B 340 35.31 -11.53 -22.90
N HIS B 341 36.41 -12.02 -22.30
CA HIS B 341 36.92 -11.68 -20.93
C HIS B 341 38.33 -11.07 -20.99
N THR B 342 38.74 -10.49 -22.12
CA THR B 342 40.06 -9.81 -22.27
C THR B 342 40.09 -8.57 -21.38
N VAL B 343 41.28 -8.09 -21.04
CA VAL B 343 41.46 -6.81 -20.30
C VAL B 343 40.62 -5.73 -21.00
N ALA B 344 40.62 -5.70 -22.33
CA ALA B 344 39.95 -4.64 -23.11
C ALA B 344 38.42 -4.78 -22.92
N ASP B 345 37.93 -6.01 -22.82
CA ASP B 345 36.48 -6.26 -22.58
C ASP B 345 36.14 -5.73 -21.19
N TYR B 346 37.00 -5.96 -20.21
CA TYR B 346 36.78 -5.52 -18.81
C TYR B 346 36.80 -3.99 -18.74
N LEU B 347 37.66 -3.36 -19.55
CA LEU B 347 37.78 -1.89 -19.57
C LEU B 347 36.57 -1.28 -20.24
N LYS B 348 36.00 -1.95 -21.25
CA LYS B 348 34.73 -1.51 -21.89
C LYS B 348 33.59 -1.61 -20.86
N PHE B 349 33.47 -2.76 -20.19
CA PHE B 349 32.46 -3.01 -19.13
C PHE B 349 32.56 -1.92 -18.05
N LYS B 350 33.77 -1.69 -17.52
CA LYS B 350 34.02 -0.67 -16.47
C LYS B 350 33.55 0.69 -16.99
N ASP B 351 33.83 1.03 -18.25
CA ASP B 351 33.47 2.36 -18.82
C ASP B 351 31.95 2.51 -18.87
N LEU B 352 31.26 1.50 -19.38
CA LEU B 352 29.77 1.49 -19.44
C LEU B 352 29.20 1.68 -18.02
N ILE B 353 29.67 0.92 -17.04
CA ILE B 353 29.15 0.96 -15.66
C ILE B 353 29.34 2.38 -15.10
N LEU B 354 30.51 3.00 -15.31
CA LEU B 354 30.80 4.35 -14.73
C LEU B 354 29.89 5.39 -15.39
N ARG B 355 29.52 5.22 -16.65
CA ARG B 355 28.58 6.16 -17.31
C ARG B 355 27.18 5.92 -16.71
N MET B 356 26.85 4.68 -16.32
CA MET B 356 25.54 4.36 -15.70
C MET B 356 25.54 4.89 -14.27
N LEU B 357 26.71 4.98 -13.65
CA LEU B 357 26.79 5.39 -12.24
C LEU B 357 27.23 6.87 -12.14
N ASP B 358 26.98 7.65 -13.19
CA ASP B 358 27.11 9.13 -13.16
C ASP B 358 26.21 9.71 -12.07
N TYR B 359 26.81 10.46 -11.15
CA TYR B 359 26.11 11.20 -10.08
C TYR B 359 25.07 12.14 -10.67
N ASP B 360 25.34 12.65 -11.86
CA ASP B 360 24.48 13.67 -12.49
C ASP B 360 23.48 12.94 -13.37
N PRO B 361 22.18 12.99 -13.02
CA PRO B 361 21.15 12.28 -13.78
C PRO B 361 20.92 12.88 -15.17
N LYS B 362 21.34 14.13 -15.37
CA LYS B 362 21.28 14.83 -16.68
C LYS B 362 22.24 14.17 -17.66
N THR B 363 23.44 13.78 -17.23
CA THR B 363 24.51 13.28 -18.13
C THR B 363 24.68 11.76 -17.98
N ARG B 364 23.91 11.12 -17.10
CA ARG B 364 23.96 9.65 -16.94
C ARG B 364 23.58 9.05 -18.29
N ILE B 365 24.25 7.99 -18.73
CA ILE B 365 24.03 7.39 -20.07
C ILE B 365 22.55 7.02 -20.22
N GLN B 366 21.93 7.38 -21.35
CA GLN B 366 20.54 6.99 -21.66
C GLN B 366 20.62 5.66 -22.38
N PRO B 367 19.52 4.86 -22.35
CA PRO B 367 19.49 3.52 -22.92
C PRO B 367 19.98 3.32 -24.36
N TYR B 368 19.61 4.21 -25.28
CA TYR B 368 19.97 4.09 -26.72
C TYR B 368 21.50 4.07 -26.86
N TYR B 369 22.17 5.01 -26.20
CA TYR B 369 23.63 5.22 -26.29
C TYR B 369 24.35 4.08 -25.55
N ALA B 370 23.77 3.56 -24.48
CA ALA B 370 24.32 2.37 -23.76
C ALA B 370 24.38 1.21 -24.76
N LEU B 371 23.33 1.03 -25.55
CA LEU B 371 23.27 -0.03 -26.57
C LEU B 371 24.29 0.20 -27.70
N GLN B 372 24.77 1.44 -27.94
CA GLN B 372 25.79 1.71 -28.98
C GLN B 372 27.20 1.53 -28.39
N HIS B 373 27.33 1.34 -27.08
CA HIS B 373 28.63 1.19 -26.39
C HIS B 373 29.46 0.03 -26.97
N SER B 374 30.77 0.23 -27.05
CA SER B 374 31.73 -0.77 -27.61
C SER B 374 31.67 -2.07 -26.80
N PHE B 375 31.21 -2.04 -25.55
CA PHE B 375 31.07 -3.27 -24.73
C PHE B 375 30.17 -4.27 -25.45
N PHE B 376 29.25 -3.82 -26.30
CA PHE B 376 28.25 -4.71 -26.93
C PHE B 376 28.73 -5.25 -28.29
N LYS B 377 29.94 -4.94 -28.75
CA LYS B 377 30.50 -5.62 -29.96
C LYS B 377 30.56 -7.16 -29.77
N LYS B 378 30.93 -7.65 -28.56
CA LYS B 378 31.01 -9.08 -28.11
C LYS B 378 32.41 -9.63 -28.45
C1 QZ2 C . -4.60 7.30 21.94
N1 QZ2 C . -4.37 7.56 20.53
O1 QZ2 C . -3.66 5.50 12.79
C2 QZ2 C . -4.33 6.68 19.53
N2 QZ2 C . -4.13 8.81 20.10
O2 QZ2 C . -4.17 7.62 12.89
C3 QZ2 C . -4.09 7.38 18.39
N3 QZ2 C . -3.98 5.28 15.46
C4 QZ2 C . -3.97 8.72 18.79
N4 QZ2 C . -4.02 5.53 16.79
C5 QZ2 C . -4.01 6.86 17.03
C6 QZ2 C . -3.99 7.49 15.79
C7 QZ2 C . -3.97 6.47 14.85
C8 QZ2 C . -3.92 6.54 13.41
C1 QZ2 D . 7.61 -17.74 -12.59
N1 QZ2 D . 7.02 -16.45 -12.86
O1 QZ2 D . 5.24 -9.42 -9.97
C2 QZ2 D . 6.85 -15.44 -12.01
N2 QZ2 D . 6.57 -16.15 -14.09
O2 QZ2 D . 4.94 -8.89 -12.10
C3 QZ2 D . 6.26 -14.42 -12.72
N3 QZ2 D . 6.08 -11.71 -10.46
C4 QZ2 D . 6.11 -14.91 -14.02
N4 QZ2 D . 6.35 -12.95 -10.92
C5 QZ2 D . 5.96 -13.10 -12.20
C6 QZ2 D . 5.44 -11.86 -12.62
C7 QZ2 D . 5.54 -11.04 -11.49
C8 QZ2 D . 5.19 -9.69 -11.17
#